data_1XB4
#
_entry.id   1XB4
#
_cell.length_a   53.360
_cell.length_b   123.660
_cell.length_c   140.300
_cell.angle_alpha   90.00
_cell.angle_beta   90.00
_cell.angle_gamma   90.00
#
_symmetry.space_group_name_H-M   'P 21 21 21'
#
loop_
_entity.id
_entity.type
_entity.pdbx_description
1 polymer 'Hypothetical 23.6 kDa protein in YUH1-URA8 intergenic region'
2 water water
#
_entity_poly.entity_id   1
_entity_poly.type   'polypeptide(L)'
_entity_poly.pdbx_seq_one_letter_code
;MSALPPVYSFPPLYTRQPNSLTRRQQISTWIDIISQYCKTKKIWYMSVDGTVINDNELDSGSTDNDDSKKISKNLFNNED
IQRSVSQVFIDEIWSQMTKEGKCLPIDQSGRRSSNTTTTRYFILWKSLDSWASLILQWFEDSGKLNQVITLYELSEGDET
VNWEFHRMPESLLYYCLKPLCDRNRATMLKDENDKVIAIKVV
;
_entity_poly.pdbx_strand_id   A,B,C,D
#
# COMPACT_ATOMS: atom_id res chain seq x y z
N MET A 1 7.91 -7.45 0.66
CA MET A 1 6.43 -7.29 0.46
C MET A 1 5.82 -8.54 -0.16
N SER A 2 5.52 -9.56 0.67
CA SER A 2 4.95 -10.83 0.19
C SER A 2 4.02 -11.59 1.16
N ALA A 3 4.57 -12.09 2.28
CA ALA A 3 3.86 -12.80 3.39
C ALA A 3 3.43 -14.27 3.23
N LEU A 4 2.22 -14.52 2.76
CA LEU A 4 1.76 -15.88 2.55
C LEU A 4 1.78 -16.10 1.04
N PRO A 5 2.18 -17.31 0.61
CA PRO A 5 2.30 -17.78 -0.76
C PRO A 5 0.97 -18.24 -1.34
N PRO A 6 0.94 -18.51 -2.65
CA PRO A 6 -0.30 -18.96 -3.26
C PRO A 6 -0.50 -20.41 -2.85
N VAL A 7 0.61 -21.12 -2.66
CA VAL A 7 0.55 -22.53 -2.26
C VAL A 7 -0.01 -22.68 -0.85
N TYR A 8 -0.02 -21.59 -0.10
CA TYR A 8 -0.53 -21.65 1.25
C TYR A 8 -1.99 -22.07 1.25
N SER A 9 -2.65 -21.88 0.11
CA SER A 9 -4.05 -22.24 -0.03
C SER A 9 -4.26 -23.54 -0.78
N PHE A 10 -3.18 -24.29 -1.00
CA PHE A 10 -3.24 -25.56 -1.73
C PHE A 10 -3.42 -26.71 -0.75
N PRO A 11 -4.67 -27.17 -0.54
CA PRO A 11 -5.07 -28.24 0.38
C PRO A 11 -4.09 -29.40 0.61
N PRO A 12 -3.72 -30.10 -0.48
CA PRO A 12 -2.78 -31.22 -0.39
C PRO A 12 -1.60 -30.94 0.54
N LEU A 13 -1.32 -29.67 0.77
CA LEU A 13 -0.20 -29.28 1.61
C LEU A 13 -0.48 -29.57 3.08
N TYR A 14 -1.73 -29.35 3.47
CA TYR A 14 -2.12 -29.56 4.86
C TYR A 14 -2.22 -31.03 5.22
N THR A 15 -2.26 -31.89 4.22
CA THR A 15 -2.32 -33.30 4.49
C THR A 15 -0.88 -33.73 4.59
N ARG A 16 -0.54 -34.44 5.65
CA ARG A 16 0.82 -34.91 5.81
C ARG A 16 1.02 -35.92 4.71
N GLN A 17 2.25 -36.03 4.21
CA GLN A 17 2.55 -36.98 3.16
C GLN A 17 3.27 -38.23 3.65
N PRO A 18 2.72 -39.40 3.31
CA PRO A 18 3.32 -40.67 3.70
C PRO A 18 4.46 -40.87 2.73
N ASN A 19 5.69 -40.66 3.20
CA ASN A 19 6.84 -40.81 2.31
C ASN A 19 8.02 -40.02 2.83
N SER A 20 9.06 -40.73 3.27
CA SER A 20 10.22 -40.05 3.79
C SER A 20 10.61 -38.93 2.82
N LEU A 21 10.79 -39.32 1.56
CA LEU A 21 11.18 -38.39 0.51
C LEU A 21 10.23 -37.20 0.43
N THR A 22 8.98 -37.44 0.06
CA THR A 22 8.00 -36.38 -0.07
C THR A 22 7.87 -35.51 1.17
N ARG A 23 7.46 -36.10 2.28
CA ARG A 23 7.28 -35.36 3.53
C ARG A 23 8.44 -34.40 3.74
N ARG A 24 9.65 -34.91 3.49
CA ARG A 24 10.87 -34.12 3.64
C ARG A 24 10.76 -32.78 2.91
N GLN A 25 10.21 -32.81 1.70
CA GLN A 25 10.03 -31.59 0.90
C GLN A 25 8.87 -30.76 1.45
N GLN A 26 7.72 -31.40 1.59
CA GLN A 26 6.54 -30.77 2.12
C GLN A 26 6.90 -29.98 3.36
N ILE A 27 7.65 -30.59 4.27
CA ILE A 27 8.03 -29.91 5.49
C ILE A 27 8.85 -28.65 5.17
N SER A 28 9.86 -28.80 4.32
CA SER A 28 10.66 -27.63 3.95
C SER A 28 9.72 -26.51 3.52
N THR A 29 8.80 -26.82 2.60
CA THR A 29 7.83 -25.84 2.14
C THR A 29 7.21 -25.15 3.34
N TRP A 30 6.76 -25.90 4.34
CA TRP A 30 6.15 -25.29 5.52
C TRP A 30 7.18 -24.47 6.27
N ILE A 31 8.35 -25.05 6.49
CA ILE A 31 9.37 -24.29 7.19
C ILE A 31 9.40 -22.94 6.51
N ASP A 32 9.63 -22.99 5.20
CA ASP A 32 9.74 -21.79 4.37
C ASP A 32 8.58 -20.83 4.50
N ILE A 33 7.36 -21.34 4.46
CA ILE A 33 6.19 -20.50 4.60
C ILE A 33 6.23 -19.75 5.93
N ILE A 34 6.68 -20.44 6.98
CA ILE A 34 6.75 -19.86 8.30
C ILE A 34 7.68 -18.67 8.32
N SER A 35 8.93 -18.90 7.97
CA SER A 35 9.90 -17.81 7.97
C SER A 35 9.37 -16.61 7.20
N GLN A 36 9.03 -16.86 5.94
CA GLN A 36 8.53 -15.82 5.07
C GLN A 36 7.40 -15.07 5.72
N TYR A 37 6.52 -15.80 6.39
CA TYR A 37 5.39 -15.15 7.03
C TYR A 37 5.82 -14.25 8.16
N CYS A 38 6.50 -14.84 9.13
CA CYS A 38 6.96 -14.11 10.30
C CYS A 38 7.83 -12.95 9.90
N LYS A 39 8.71 -13.20 8.95
CA LYS A 39 9.59 -12.17 8.45
C LYS A 39 8.81 -10.95 7.96
N THR A 40 7.89 -11.13 7.02
CA THR A 40 7.19 -9.97 6.51
C THR A 40 6.27 -9.35 7.52
N LYS A 41 5.68 -10.11 8.40
CA LYS A 41 4.81 -9.49 9.38
C LYS A 41 5.60 -9.03 10.59
N LYS A 42 6.92 -9.16 10.50
CA LYS A 42 7.82 -8.78 11.59
C LYS A 42 7.40 -9.40 12.92
N ILE A 43 7.11 -10.69 12.85
CA ILE A 43 6.70 -11.47 14.00
C ILE A 43 7.87 -12.28 14.54
N TRP A 44 7.83 -12.59 15.84
CA TRP A 44 8.94 -13.33 16.43
C TRP A 44 8.59 -14.63 17.11
N TYR A 45 7.42 -14.67 17.74
CA TYR A 45 6.97 -15.85 18.45
C TYR A 45 5.88 -16.62 17.74
N MET A 46 5.94 -17.93 17.86
CA MET A 46 4.96 -18.83 17.30
C MET A 46 4.71 -19.89 18.38
N SER A 47 3.45 -20.12 18.74
CA SER A 47 3.15 -21.14 19.73
C SER A 47 3.23 -22.47 19.00
N VAL A 48 3.61 -23.52 19.71
CA VAL A 48 3.77 -24.83 19.09
C VAL A 48 2.58 -25.26 18.23
N ASP A 49 1.38 -24.81 18.57
CA ASP A 49 0.21 -25.20 17.79
C ASP A 49 0.01 -24.30 16.58
N GLY A 50 0.89 -23.32 16.41
CA GLY A 50 0.80 -22.44 15.26
C GLY A 50 0.29 -21.03 15.52
N THR A 51 -0.19 -20.76 16.73
CA THR A 51 -0.69 -19.45 17.06
C THR A 51 0.41 -18.39 16.94
N VAL A 52 0.06 -17.20 16.46
CA VAL A 52 1.06 -16.14 16.36
C VAL A 52 0.87 -15.18 17.50
N ILE A 53 1.96 -14.84 18.16
CA ILE A 53 1.91 -13.93 19.28
C ILE A 53 2.27 -12.53 18.76
N ASN A 54 1.63 -11.50 19.28
CA ASN A 54 1.89 -10.15 18.81
C ASN A 54 2.61 -9.22 19.80
N ASP A 55 3.85 -8.85 19.46
CA ASP A 55 4.65 -7.98 20.32
C ASP A 55 3.94 -6.66 20.66
N LYS A 73 -5.41 -15.80 15.10
CA LYS A 73 -4.19 -15.61 14.31
C LYS A 73 -3.29 -16.85 14.41
N ASN A 74 -3.61 -17.85 13.57
CA ASN A 74 -2.88 -19.10 13.58
C ASN A 74 -2.54 -19.51 12.14
N LEU A 75 -1.26 -19.76 11.92
CA LEU A 75 -0.69 -20.09 10.62
C LEU A 75 -0.82 -21.52 10.12
N PHE A 76 -1.24 -22.44 10.97
CA PHE A 76 -1.36 -23.84 10.56
C PHE A 76 -2.81 -24.21 10.39
N ASN A 77 -3.67 -23.24 10.69
CA ASN A 77 -5.11 -23.41 10.57
C ASN A 77 -5.57 -22.43 9.49
N ASN A 78 -5.79 -22.95 8.30
CA ASN A 78 -6.24 -22.10 7.19
C ASN A 78 -7.76 -22.00 7.10
N GLU A 79 -8.28 -20.89 7.59
CA GLU A 79 -9.72 -20.66 7.57
C GLU A 79 -10.29 -20.67 6.15
N ASP A 80 -9.70 -19.86 5.28
CA ASP A 80 -10.15 -19.75 3.90
C ASP A 80 -10.21 -21.09 3.16
N ILE A 81 -9.24 -21.94 3.42
CA ILE A 81 -9.15 -23.25 2.77
C ILE A 81 -9.86 -24.33 3.55
N GLN A 82 -10.24 -24.00 4.79
CA GLN A 82 -10.91 -24.97 5.65
C GLN A 82 -10.02 -26.22 5.79
N ARG A 83 -8.79 -26.02 6.24
CA ARG A 83 -7.84 -27.11 6.42
C ARG A 83 -6.88 -26.80 7.54
N SER A 84 -6.39 -27.83 8.22
CA SER A 84 -5.45 -27.61 9.30
C SER A 84 -4.48 -28.76 9.46
N VAL A 85 -3.22 -28.41 9.67
CA VAL A 85 -2.16 -29.39 9.85
C VAL A 85 -2.26 -30.03 11.22
N SER A 86 -2.21 -31.37 11.22
CA SER A 86 -2.30 -32.12 12.45
C SER A 86 -1.13 -31.74 13.33
N GLN A 87 -1.37 -31.69 14.63
CA GLN A 87 -0.31 -31.36 15.57
C GLN A 87 0.84 -32.32 15.34
N VAL A 88 0.51 -33.57 15.08
CA VAL A 88 1.53 -34.58 14.85
C VAL A 88 2.52 -34.08 13.83
N PHE A 89 1.99 -33.64 12.69
CA PHE A 89 2.82 -33.14 11.61
C PHE A 89 3.53 -31.89 12.10
N ILE A 90 2.78 -30.89 12.55
CA ILE A 90 3.36 -29.66 13.05
C ILE A 90 4.64 -29.93 13.85
N ASP A 91 4.57 -30.90 14.74
CA ASP A 91 5.71 -31.23 15.57
C ASP A 91 6.86 -31.66 14.71
N GLU A 92 6.57 -32.44 13.69
CA GLU A 92 7.61 -32.88 12.78
C GLU A 92 8.22 -31.64 12.16
N ILE A 93 7.34 -30.70 11.80
CA ILE A 93 7.75 -29.44 11.19
C ILE A 93 8.74 -28.69 12.08
N TRP A 94 8.36 -28.50 13.35
CA TRP A 94 9.23 -27.78 14.27
C TRP A 94 10.60 -28.40 14.45
N SER A 95 10.63 -29.67 14.83
CA SER A 95 11.90 -30.36 15.04
C SER A 95 12.76 -30.15 13.82
N GLN A 96 12.21 -30.47 12.65
CA GLN A 96 12.92 -30.32 11.39
C GLN A 96 13.50 -28.93 11.30
N MET A 97 12.64 -27.94 11.56
CA MET A 97 13.04 -26.53 11.52
C MET A 97 14.09 -26.26 12.58
N THR A 98 13.98 -26.97 13.69
CA THR A 98 14.94 -26.78 14.75
C THR A 98 16.26 -27.39 14.36
N LYS A 99 16.21 -28.58 13.79
CA LYS A 99 17.43 -29.23 13.36
C LYS A 99 18.18 -28.29 12.43
N GLU A 100 17.43 -27.65 11.52
CA GLU A 100 17.97 -26.71 10.54
C GLU A 100 18.35 -25.35 11.09
N GLY A 101 18.02 -25.06 12.34
CA GLY A 101 18.41 -23.77 12.89
C GLY A 101 17.52 -22.62 12.49
N LYS A 102 16.39 -22.92 11.83
CA LYS A 102 15.47 -21.89 11.35
C LYS A 102 14.59 -21.33 12.47
N CYS A 103 14.51 -22.05 13.58
CA CYS A 103 13.71 -21.59 14.73
C CYS A 103 14.40 -21.94 16.04
N LEU A 104 13.89 -21.37 17.11
CA LEU A 104 14.51 -21.60 18.40
C LEU A 104 13.45 -21.93 19.42
N PRO A 105 13.57 -23.12 20.02
CA PRO A 105 12.65 -23.64 21.04
C PRO A 105 12.85 -22.91 22.35
N ILE A 106 11.79 -22.27 22.86
CA ILE A 106 11.83 -21.56 24.15
C ILE A 106 10.60 -21.90 24.98
N ASP A 107 10.75 -21.86 26.29
CA ASP A 107 9.63 -22.17 27.17
C ASP A 107 8.96 -20.89 27.65
N GLN A 108 8.66 -20.81 28.94
CA GLN A 108 8.03 -19.64 29.49
C GLN A 108 9.08 -18.53 29.55
N SER A 109 10.17 -18.69 28.78
CA SER A 109 11.25 -17.70 28.78
C SER A 109 12.50 -18.01 27.91
N GLY A 110 13.41 -18.84 28.42
CA GLY A 110 14.63 -19.14 27.69
C GLY A 110 14.68 -20.42 26.85
N ARG A 111 15.79 -20.59 26.15
CA ARG A 111 16.03 -21.74 25.27
C ARG A 111 15.76 -23.11 25.92
N ARG A 112 14.63 -23.71 25.56
CA ARG A 112 14.27 -25.02 26.09
C ARG A 112 13.35 -25.86 25.17
N SER A 113 13.81 -27.06 24.83
CA SER A 113 13.03 -27.98 23.99
C SER A 113 12.94 -29.38 24.63
N THR A 116 12.55 -28.27 28.02
CA THR A 116 11.85 -28.43 29.29
C THR A 116 10.47 -27.81 29.11
N THR A 117 9.64 -28.45 28.30
CA THR A 117 8.32 -27.89 28.03
C THR A 117 8.57 -26.64 27.21
N THR A 118 8.84 -26.81 25.92
CA THR A 118 9.04 -25.68 25.04
C THR A 118 7.62 -25.32 24.68
N THR A 119 7.26 -24.08 25.00
CA THR A 119 5.90 -23.59 24.78
C THR A 119 5.71 -22.83 23.45
N ARG A 120 6.75 -22.12 23.00
CA ARG A 120 6.70 -21.36 21.76
C ARG A 120 8.04 -21.29 21.04
N TYR A 121 8.03 -20.69 19.85
CA TYR A 121 9.23 -20.56 19.06
C TYR A 121 9.58 -19.14 18.64
N PHE A 122 10.88 -18.90 18.57
CA PHE A 122 11.47 -17.66 18.17
C PHE A 122 11.78 -18.03 16.74
N ILE A 123 11.09 -17.41 15.79
CA ILE A 123 11.35 -17.72 14.39
C ILE A 123 12.60 -16.98 13.94
N LEU A 124 13.56 -17.73 13.43
CA LEU A 124 14.81 -17.14 12.98
C LEU A 124 14.94 -17.01 11.49
N TRP A 125 14.33 -15.97 10.92
CA TRP A 125 14.41 -15.76 9.49
C TRP A 125 15.77 -15.18 9.22
N LYS A 126 16.43 -14.76 10.28
CA LYS A 126 17.75 -14.17 10.24
C LYS A 126 18.51 -14.90 11.36
N SER A 127 19.66 -15.46 11.05
CA SER A 127 20.45 -16.17 12.06
C SER A 127 20.62 -15.35 13.31
N LEU A 128 20.94 -16.01 14.41
CA LEU A 128 21.17 -15.27 15.64
C LEU A 128 22.45 -14.51 15.40
N ASP A 129 23.47 -15.18 14.88
CA ASP A 129 24.72 -14.49 14.60
C ASP A 129 24.40 -13.34 13.65
N SER A 130 23.54 -13.59 12.67
CA SER A 130 23.14 -12.57 11.72
C SER A 130 22.50 -11.37 12.43
N TRP A 131 21.58 -11.64 13.34
CA TRP A 131 20.97 -10.56 14.09
C TRP A 131 22.06 -9.86 14.87
N ALA A 132 22.91 -10.66 15.49
CA ALA A 132 24.02 -10.14 16.26
C ALA A 132 24.71 -9.05 15.48
N SER A 133 25.10 -9.36 14.26
CA SER A 133 25.80 -8.40 13.43
C SER A 133 24.97 -7.16 13.22
N LEU A 134 23.78 -7.32 12.66
CA LEU A 134 22.93 -6.17 12.41
C LEU A 134 22.79 -5.28 13.63
N ILE A 135 22.70 -5.86 14.80
CA ILE A 135 22.58 -5.02 15.97
C ILE A 135 23.93 -4.37 16.16
N LEU A 136 24.99 -5.19 16.25
CA LEU A 136 26.32 -4.65 16.42
C LEU A 136 26.50 -3.49 15.45
N GLN A 137 26.10 -3.74 14.21
CA GLN A 137 26.17 -2.75 13.16
C GLN A 137 25.60 -1.45 13.68
N TRP A 138 24.32 -1.45 14.00
CA TRP A 138 23.64 -0.29 14.52
C TRP A 138 24.51 0.51 15.46
N PHE A 139 25.02 -0.18 16.48
CA PHE A 139 25.90 0.43 17.48
C PHE A 139 27.02 1.25 16.87
N GLU A 140 27.70 0.69 15.87
CA GLU A 140 28.78 1.40 15.19
C GLU A 140 28.22 2.49 14.28
N ASP A 141 27.22 2.12 13.47
CA ASP A 141 26.58 3.08 12.57
C ASP A 141 25.83 4.15 13.36
N SER A 142 26.07 4.24 14.67
CA SER A 142 25.42 5.24 15.49
C SER A 142 26.41 5.70 16.55
N GLY A 143 27.67 5.34 16.31
CA GLY A 143 28.75 5.73 17.20
C GLY A 143 28.69 5.27 18.63
N LYS A 144 27.48 4.91 19.10
CA LYS A 144 27.27 4.43 20.47
C LYS A 144 28.11 3.21 20.84
N LEU A 145 29.04 2.86 19.98
CA LEU A 145 29.89 1.71 20.18
C LEU A 145 30.66 1.64 21.49
N ASN A 146 30.35 2.49 22.47
CA ASN A 146 31.07 2.43 23.74
C ASN A 146 30.18 2.61 24.95
N GLN A 147 28.99 3.13 24.71
CA GLN A 147 27.99 3.41 25.75
C GLN A 147 27.27 2.20 26.34
N VAL A 148 26.27 2.49 27.17
CA VAL A 148 25.49 1.46 27.81
C VAL A 148 24.02 1.65 27.51
N ILE A 149 23.48 0.90 26.57
CA ILE A 149 22.08 1.02 26.25
C ILE A 149 21.34 -0.24 26.67
N THR A 150 20.11 -0.07 27.11
CA THR A 150 19.27 -1.17 27.54
C THR A 150 18.66 -1.92 26.37
N LEU A 151 18.14 -3.12 26.64
CA LEU A 151 17.52 -3.93 25.59
C LEU A 151 16.19 -3.29 25.25
N TYR A 152 15.56 -2.70 26.26
CA TYR A 152 14.27 -2.06 26.03
C TYR A 152 14.45 -0.94 25.01
N GLU A 153 15.41 -0.07 25.23
CA GLU A 153 15.62 1.02 24.29
C GLU A 153 16.07 0.45 22.95
N LEU A 154 16.59 -0.77 23.01
CA LEU A 154 17.10 -1.41 21.81
C LEU A 154 16.01 -1.78 20.82
N SER A 155 14.76 -1.84 21.24
CA SER A 155 13.70 -2.20 20.29
C SER A 155 12.55 -1.19 20.05
N ASP A 158 13.71 1.77 21.23
CA ASP A 158 13.07 3.06 21.36
C ASP A 158 12.99 3.68 19.97
N GLU A 159 13.01 5.00 19.89
CA GLU A 159 12.92 5.70 18.62
C GLU A 159 14.19 5.56 17.80
N THR A 160 15.32 5.43 18.50
CA THR A 160 16.62 5.36 17.84
C THR A 160 16.78 4.13 16.95
N VAL A 161 16.16 3.04 17.35
CA VAL A 161 16.23 1.79 16.58
C VAL A 161 15.09 1.73 15.60
N ASN A 162 15.37 1.17 14.44
CA ASN A 162 14.37 1.05 13.42
C ASN A 162 14.95 0.23 12.27
N TRP A 163 15.81 -0.69 12.66
CA TRP A 163 16.45 -1.62 11.74
C TRP A 163 15.49 -2.80 11.91
N GLU A 164 15.67 -3.85 11.12
CA GLU A 164 14.79 -5.01 11.23
C GLU A 164 14.48 -5.43 12.68
N PHE A 165 15.45 -5.36 13.57
CA PHE A 165 15.25 -5.81 14.95
C PHE A 165 14.45 -4.92 15.85
N HIS A 166 14.01 -3.79 15.36
CA HIS A 166 13.22 -2.88 16.17
C HIS A 166 12.00 -3.68 16.67
N ARG A 167 11.56 -3.45 17.90
CA ARG A 167 10.39 -4.13 18.46
C ARG A 167 10.54 -5.62 18.82
N MET A 168 11.77 -6.12 18.74
CA MET A 168 12.03 -7.51 19.07
C MET A 168 11.99 -7.67 20.57
N PRO A 169 11.34 -8.73 21.06
CA PRO A 169 11.27 -8.93 22.51
C PRO A 169 12.67 -8.88 23.10
N GLU A 170 12.79 -8.48 24.37
CA GLU A 170 14.12 -8.41 24.98
C GLU A 170 14.71 -9.81 25.22
N SER A 171 13.88 -10.74 25.67
CA SER A 171 14.35 -12.10 25.94
C SER A 171 14.98 -12.68 24.70
N LEU A 172 14.39 -12.40 23.56
CA LEU A 172 14.94 -12.92 22.32
C LEU A 172 16.08 -12.03 21.88
N LEU A 173 16.00 -10.76 22.23
CA LEU A 173 17.05 -9.86 21.84
C LEU A 173 18.31 -10.35 22.50
N TYR A 174 18.18 -10.74 23.76
CA TYR A 174 19.30 -11.27 24.54
C TYR A 174 20.07 -12.34 23.78
N TYR A 175 19.35 -13.27 23.16
CA TYR A 175 20.00 -14.34 22.43
C TYR A 175 20.73 -13.87 21.20
N CYS A 176 20.37 -12.70 20.68
CA CYS A 176 21.04 -12.15 19.51
C CYS A 176 22.31 -11.41 19.89
N LEU A 177 22.39 -10.99 21.14
CA LEU A 177 23.53 -10.24 21.60
C LEU A 177 24.62 -11.17 22.12
N LYS A 178 24.17 -12.31 22.65
CA LYS A 178 25.07 -13.28 23.20
C LYS A 178 26.24 -13.44 22.23
N PRO A 179 25.97 -13.59 20.95
CA PRO A 179 27.08 -13.74 20.00
C PRO A 179 28.11 -12.65 20.11
N LEU A 180 27.68 -11.47 20.53
CA LEU A 180 28.59 -10.35 20.69
C LEU A 180 29.47 -10.52 21.91
N CYS A 181 28.97 -11.25 22.92
CA CYS A 181 29.73 -11.50 24.14
C CYS A 181 30.83 -12.47 23.75
N ASP A 182 30.48 -13.44 22.92
CA ASP A 182 31.46 -14.37 22.39
C ASP A 182 32.01 -13.39 21.36
N ARG A 183 33.18 -13.61 20.79
CA ARG A 183 33.70 -12.64 19.83
C ARG A 183 34.09 -11.38 20.57
N ASN A 184 34.08 -11.48 21.89
CA ASN A 184 34.47 -10.40 22.81
C ASN A 184 34.22 -8.96 22.33
N ARG A 185 33.03 -8.67 21.84
CA ARG A 185 32.77 -7.33 21.38
C ARG A 185 31.81 -6.62 22.32
N ALA A 186 31.31 -7.34 23.31
CA ALA A 186 30.36 -6.73 24.23
C ALA A 186 30.30 -7.36 25.60
N THR A 187 29.77 -6.59 26.54
CA THR A 187 29.64 -7.00 27.92
C THR A 187 28.21 -6.70 28.34
N MET A 188 27.55 -7.64 28.98
CA MET A 188 26.19 -7.40 29.40
C MET A 188 26.11 -6.96 30.86
N LEU A 189 25.09 -6.17 31.18
CA LEU A 189 24.88 -5.71 32.56
C LEU A 189 23.50 -6.18 33.03
N LYS A 190 23.47 -6.89 34.16
CA LYS A 190 22.20 -7.37 34.69
C LYS A 190 21.78 -6.54 35.92
N ASP A 191 20.51 -6.66 36.30
CA ASP A 191 20.01 -5.93 37.47
C ASP A 191 20.10 -6.80 38.72
N GLU A 192 19.54 -6.30 39.83
CA GLU A 192 19.57 -7.05 41.09
C GLU A 192 19.13 -8.50 40.94
N ASN A 193 18.17 -8.75 40.07
CA ASN A 193 17.70 -10.11 39.87
C ASN A 193 18.39 -10.71 38.65
N ASP A 194 19.72 -10.62 38.67
CA ASP A 194 20.56 -11.14 37.58
C ASP A 194 19.85 -11.22 36.23
N LYS A 195 19.16 -10.15 35.87
CA LYS A 195 18.46 -10.11 34.60
C LYS A 195 19.21 -9.15 33.68
N VAL A 196 19.53 -9.59 32.47
CA VAL A 196 20.22 -8.70 31.55
C VAL A 196 19.25 -7.55 31.28
N ILE A 197 19.74 -6.32 31.42
CA ILE A 197 18.92 -5.14 31.24
C ILE A 197 19.55 -4.20 30.20
N ALA A 198 20.87 -4.17 30.20
CA ALA A 198 21.58 -3.32 29.28
C ALA A 198 22.82 -4.02 28.77
N ILE A 199 23.53 -3.37 27.87
CA ILE A 199 24.73 -3.95 27.30
C ILE A 199 25.62 -2.86 26.78
N LYS A 200 26.91 -3.13 26.76
CA LYS A 200 27.86 -2.15 26.23
C LYS A 200 28.68 -2.91 25.21
N VAL A 201 28.79 -2.35 24.01
CA VAL A 201 29.53 -3.01 22.97
C VAL A 201 30.79 -2.19 22.70
N MET B 1 17.01 -17.75 -3.15
CA MET B 1 15.94 -18.36 -4.00
C MET B 1 16.55 -19.12 -5.15
N SER B 2 16.21 -20.40 -5.29
CA SER B 2 16.76 -21.18 -6.39
C SER B 2 15.81 -21.15 -7.56
N ALA B 3 16.09 -21.95 -8.57
CA ALA B 3 15.25 -22.01 -9.76
C ALA B 3 13.97 -22.75 -9.42
N LEU B 4 14.04 -23.60 -8.41
CA LEU B 4 12.87 -24.36 -8.02
C LEU B 4 12.62 -24.33 -6.50
N PRO B 5 11.40 -23.96 -6.08
CA PRO B 5 10.94 -23.86 -4.70
C PRO B 5 10.92 -25.27 -4.11
N PRO B 6 10.70 -25.38 -2.79
CA PRO B 6 10.69 -26.72 -2.21
C PRO B 6 9.42 -27.42 -2.64
N VAL B 7 8.36 -26.64 -2.84
CA VAL B 7 7.08 -27.19 -3.25
C VAL B 7 7.16 -27.78 -4.65
N TYR B 8 8.19 -27.38 -5.39
CA TYR B 8 8.33 -27.88 -6.74
C TYR B 8 8.44 -29.39 -6.76
N SER B 9 8.84 -29.95 -5.63
CA SER B 9 8.99 -31.41 -5.51
C SER B 9 7.81 -32.06 -4.78
N PHE B 10 6.74 -31.31 -4.55
CA PHE B 10 5.55 -31.80 -3.85
C PHE B 10 4.54 -32.35 -4.86
N PRO B 11 4.56 -33.68 -5.09
CA PRO B 11 3.70 -34.42 -6.01
C PRO B 11 2.28 -33.91 -6.22
N PRO B 12 1.52 -33.75 -5.13
CA PRO B 12 0.14 -33.27 -5.21
C PRO B 12 -0.02 -32.07 -6.12
N LEU B 13 1.08 -31.38 -6.37
CA LEU B 13 1.06 -30.20 -7.23
C LEU B 13 0.90 -30.58 -8.69
N TYR B 14 1.54 -31.66 -9.08
CA TYR B 14 1.48 -32.10 -10.47
C TYR B 14 0.14 -32.67 -10.83
N THR B 15 -0.64 -33.04 -9.83
CA THR B 15 -1.96 -33.58 -10.11
C THR B 15 -2.89 -32.39 -10.21
N ARG B 16 -3.64 -32.32 -11.32
CA ARG B 16 -4.56 -31.21 -11.49
C ARG B 16 -5.59 -31.35 -10.39
N GLN B 17 -6.14 -30.24 -9.93
CA GLN B 17 -7.13 -30.30 -8.88
C GLN B 17 -8.53 -30.06 -9.40
N PRO B 18 -9.45 -30.98 -9.05
CA PRO B 18 -10.85 -30.86 -9.48
C PRO B 18 -11.44 -29.87 -8.51
N ASN B 19 -11.65 -28.63 -8.96
CA ASN B 19 -12.21 -27.62 -8.08
C ASN B 19 -11.85 -26.23 -8.59
N SER B 20 -12.85 -25.49 -9.01
CA SER B 20 -12.63 -24.16 -9.52
C SER B 20 -11.76 -23.44 -8.51
N LEU B 21 -12.22 -23.40 -7.27
CA LEU B 21 -11.49 -22.73 -6.20
C LEU B 21 -10.05 -23.19 -6.12
N THR B 22 -9.85 -24.45 -5.75
CA THR B 22 -8.52 -25.02 -5.62
C THR B 22 -7.62 -24.84 -6.85
N ARG B 23 -8.03 -25.41 -7.98
CA ARG B 23 -7.24 -25.31 -9.21
C ARG B 23 -6.75 -23.89 -9.41
N ARG B 24 -7.64 -22.93 -9.17
CA ARG B 24 -7.32 -21.51 -9.31
C ARG B 24 -6.05 -21.14 -8.55
N GLN B 25 -5.88 -21.70 -7.35
CA GLN B 25 -4.69 -21.43 -6.54
C GLN B 25 -3.53 -22.23 -7.06
N GLN B 26 -3.76 -23.52 -7.23
CA GLN B 26 -2.74 -24.42 -7.73
C GLN B 26 -2.09 -23.76 -8.93
N ILE B 27 -2.91 -23.31 -9.87
CA ILE B 27 -2.37 -22.68 -11.07
C ILE B 27 -1.48 -21.49 -10.73
N SER B 28 -1.99 -20.56 -9.94
CA SER B 28 -1.17 -19.43 -9.54
C SER B 28 0.18 -19.93 -9.06
N THR B 29 0.20 -20.91 -8.16
CA THR B 29 1.44 -21.48 -7.67
C THR B 29 2.36 -21.85 -8.86
N TRP B 30 1.80 -22.49 -9.89
CA TRP B 30 2.60 -22.86 -11.06
C TRP B 30 3.03 -21.61 -11.80
N ILE B 31 2.10 -20.69 -12.01
CA ILE B 31 2.44 -19.47 -12.69
C ILE B 31 3.70 -18.99 -12.00
N ASP B 32 3.55 -18.76 -10.69
CA ASP B 32 4.64 -18.26 -9.85
C ASP B 32 5.95 -19.03 -9.99
N ILE B 33 5.88 -20.34 -9.90
CA ILE B 33 7.09 -21.15 -10.04
C ILE B 33 7.81 -20.84 -11.35
N ILE B 34 7.03 -20.70 -12.43
CA ILE B 34 7.57 -20.39 -13.76
C ILE B 34 8.35 -19.07 -13.77
N SER B 35 7.70 -17.99 -13.39
CA SER B 35 8.34 -16.69 -13.37
C SER B 35 9.63 -16.79 -12.63
N GLN B 36 9.52 -17.16 -11.36
CA GLN B 36 10.67 -17.29 -10.49
C GLN B 36 11.75 -18.12 -11.13
N TYR B 37 11.38 -19.21 -11.79
CA TYR B 37 12.39 -20.03 -12.42
C TYR B 37 13.09 -19.28 -13.52
N CYS B 38 12.32 -18.89 -14.52
CA CYS B 38 12.84 -18.16 -15.68
C CYS B 38 13.62 -16.96 -15.22
N LYS B 39 13.05 -16.20 -14.30
CA LYS B 39 13.73 -15.03 -13.80
C LYS B 39 15.14 -15.35 -13.32
N THR B 40 15.28 -16.21 -12.31
CA THR B 40 16.63 -16.48 -11.80
C THR B 40 17.57 -17.12 -12.82
N LYS B 41 17.06 -17.96 -13.71
CA LYS B 41 17.94 -18.55 -14.72
C LYS B 41 18.06 -17.63 -15.93
N LYS B 42 17.52 -16.43 -15.80
CA LYS B 42 17.56 -15.46 -16.88
C LYS B 42 17.14 -16.07 -18.21
N ILE B 43 16.05 -16.82 -18.16
CA ILE B 43 15.47 -17.45 -19.33
C ILE B 43 14.32 -16.62 -19.85
N TRP B 44 14.00 -16.77 -21.14
CA TRP B 44 12.93 -15.97 -21.75
C TRP B 44 11.87 -16.76 -22.46
N TYR B 45 12.25 -17.87 -23.08
CA TYR B 45 11.32 -18.69 -23.83
C TYR B 45 10.96 -19.99 -23.11
N MET B 46 9.70 -20.40 -23.30
CA MET B 46 9.21 -21.64 -22.75
C MET B 46 8.31 -22.21 -23.82
N SER B 47 8.53 -23.46 -24.20
CA SER B 47 7.68 -24.08 -25.21
C SER B 47 6.40 -24.49 -24.49
N VAL B 48 5.30 -24.48 -25.22
CA VAL B 48 4.02 -24.82 -24.62
C VAL B 48 4.02 -26.09 -23.77
N ASP B 49 4.86 -27.06 -24.12
CA ASP B 49 4.89 -28.30 -23.36
C ASP B 49 5.79 -28.16 -22.14
N GLY B 50 6.39 -26.98 -21.97
CA GLY B 50 7.22 -26.74 -20.81
C GLY B 50 8.71 -26.76 -21.04
N THR B 51 9.14 -27.11 -22.24
CA THR B 51 10.55 -27.16 -22.54
C THR B 51 11.13 -25.78 -22.31
N VAL B 52 12.23 -25.74 -21.59
CA VAL B 52 12.86 -24.47 -21.29
C VAL B 52 14.23 -24.41 -21.93
N ASN B 74 9.51 -29.76 -19.96
CA ASN B 74 10.75 -29.72 -19.18
C ASN B 74 10.40 -29.24 -17.78
N LEU B 75 10.17 -27.95 -17.65
CA LEU B 75 9.81 -27.39 -16.37
C LEU B 75 8.47 -27.97 -15.89
N PHE B 76 7.80 -28.76 -16.72
CA PHE B 76 6.51 -29.34 -16.34
C PHE B 76 6.64 -30.83 -16.20
N ASN B 77 7.83 -31.32 -16.53
CA ASN B 77 8.16 -32.74 -16.46
C ASN B 77 9.25 -32.87 -15.41
N ASN B 78 8.87 -33.28 -14.20
CA ASN B 78 9.85 -33.43 -13.13
C ASN B 78 10.48 -34.81 -13.11
N GLU B 79 11.75 -34.89 -13.54
CA GLU B 79 12.48 -36.15 -13.59
C GLU B 79 12.70 -36.73 -12.18
N ASP B 80 13.29 -35.92 -11.32
CA ASP B 80 13.57 -36.34 -9.95
C ASP B 80 12.34 -36.89 -9.22
N ILE B 81 11.18 -36.25 -9.45
CA ILE B 81 9.94 -36.64 -8.80
C ILE B 81 9.17 -37.70 -9.59
N GLN B 82 9.55 -37.89 -10.83
CA GLN B 82 8.86 -38.84 -11.69
C GLN B 82 7.38 -38.46 -11.77
N ARG B 83 7.13 -37.21 -12.17
CA ARG B 83 5.77 -36.67 -12.30
C ARG B 83 5.70 -35.61 -13.40
N SER B 84 4.57 -35.55 -14.10
CA SER B 84 4.41 -34.55 -15.15
C SER B 84 2.99 -34.03 -15.32
N VAL B 85 2.89 -32.71 -15.43
CA VAL B 85 1.60 -32.07 -15.60
C VAL B 85 0.99 -32.36 -16.95
N SER B 86 -0.28 -32.71 -16.95
CA SER B 86 -0.99 -33.04 -18.19
C SER B 86 -1.05 -31.80 -19.07
N GLN B 87 -0.94 -31.98 -20.37
CA GLN B 87 -0.99 -30.86 -21.29
C GLN B 87 -2.28 -30.10 -20.99
N VAL B 88 -3.35 -30.85 -20.78
CA VAL B 88 -4.65 -30.27 -20.47
C VAL B 88 -4.48 -29.20 -19.41
N PHE B 89 -3.89 -29.59 -18.29
CA PHE B 89 -3.66 -28.67 -17.20
C PHE B 89 -2.76 -27.51 -17.66
N ILE B 90 -1.59 -27.86 -18.21
CA ILE B 90 -0.64 -26.87 -18.70
C ILE B 90 -1.33 -25.76 -19.48
N ASP B 91 -2.24 -26.15 -20.36
CA ASP B 91 -2.96 -25.17 -21.16
C ASP B 91 -3.72 -24.23 -20.23
N GLU B 92 -4.39 -24.80 -19.24
CA GLU B 92 -5.14 -24.00 -18.29
C GLU B 92 -4.14 -23.04 -17.66
N ILE B 93 -2.96 -23.56 -17.32
CA ILE B 93 -1.91 -22.75 -16.71
C ILE B 93 -1.58 -21.54 -17.57
N TRP B 94 -1.33 -21.80 -18.86
CA TRP B 94 -0.98 -20.71 -19.78
C TRP B 94 -2.04 -19.64 -19.91
N SER B 95 -3.25 -20.04 -20.25
CA SER B 95 -4.32 -19.06 -20.42
C SER B 95 -4.40 -18.20 -19.18
N GLN B 96 -4.48 -18.87 -18.01
CA GLN B 96 -4.56 -18.18 -16.73
C GLN B 96 -3.39 -17.20 -16.65
N MET B 97 -2.19 -17.69 -16.95
CA MET B 97 -0.99 -16.86 -16.92
C MET B 97 -1.07 -15.75 -17.95
N THR B 98 -1.79 -16.01 -19.04
CA THR B 98 -1.96 -15.05 -20.10
C THR B 98 -3.01 -14.03 -19.69
N LYS B 99 -4.07 -14.49 -19.03
CA LYS B 99 -5.10 -13.58 -18.58
C LYS B 99 -4.43 -12.60 -17.63
N GLU B 100 -3.53 -13.12 -16.82
CA GLU B 100 -2.86 -12.29 -15.84
C GLU B 100 -1.76 -11.42 -16.42
N GLY B 101 -1.35 -11.69 -17.64
CA GLY B 101 -0.30 -10.87 -18.23
C GLY B 101 1.08 -11.26 -17.75
N LYS B 102 1.20 -12.45 -17.15
CA LYS B 102 2.46 -12.97 -16.64
C LYS B 102 3.27 -13.56 -17.80
N CYS B 103 2.61 -13.81 -18.94
CA CYS B 103 3.30 -14.36 -20.09
C CYS B 103 2.76 -13.75 -21.37
N LEU B 104 3.44 -14.02 -22.48
CA LEU B 104 3.01 -13.50 -23.76
C LEU B 104 3.05 -14.60 -24.79
N PRO B 105 1.88 -14.92 -25.39
CA PRO B 105 1.68 -15.95 -26.42
C PRO B 105 2.25 -15.48 -27.74
N ILE B 106 3.01 -16.34 -28.42
CA ILE B 106 3.61 -15.96 -29.70
C ILE B 106 3.80 -17.16 -30.62
N ASP B 107 3.66 -16.95 -31.93
CA ASP B 107 3.87 -18.02 -32.89
C ASP B 107 5.36 -17.94 -33.19
N GLN B 108 5.84 -18.71 -34.15
CA GLN B 108 7.27 -18.67 -34.48
C GLN B 108 7.73 -17.21 -34.64
N SER B 109 6.76 -16.29 -34.67
CA SER B 109 7.05 -14.86 -34.83
C SER B 109 6.77 -14.01 -33.58
N GLY B 110 5.86 -13.04 -33.74
CA GLY B 110 5.47 -12.13 -32.67
C GLY B 110 4.16 -12.52 -32.01
N ARG B 111 3.58 -11.61 -31.22
CA ARG B 111 2.36 -11.92 -30.49
C ARG B 111 1.36 -12.67 -31.36
N ARG B 112 1.03 -13.88 -30.95
CA ARG B 112 0.10 -14.72 -31.68
C ARG B 112 -0.78 -15.57 -30.76
N SER B 113 -2.09 -15.31 -30.81
CA SER B 113 -3.13 -15.97 -30.01
C SER B 113 -3.07 -17.50 -29.92
N SER B 114 -3.79 -18.02 -28.92
CA SER B 114 -3.86 -19.46 -28.66
C SER B 114 -3.97 -20.27 -29.93
N ASN B 115 -5.18 -20.40 -30.46
CA ASN B 115 -5.38 -21.18 -31.67
C ASN B 115 -4.33 -20.79 -32.73
N THR B 116 -4.38 -19.52 -33.13
CA THR B 116 -3.51 -18.88 -34.13
C THR B 116 -2.03 -19.29 -34.13
N THR B 117 -1.80 -20.51 -33.68
CA THR B 117 -0.50 -21.13 -33.60
C THR B 117 0.53 -20.40 -32.76
N THR B 118 0.29 -20.33 -31.46
CA THR B 118 1.24 -19.73 -30.55
C THR B 118 2.18 -20.91 -30.31
N THR B 119 3.45 -20.71 -30.61
CA THR B 119 4.43 -21.78 -30.48
C THR B 119 5.22 -21.75 -29.19
N ARG B 120 5.40 -20.57 -28.63
CA ARG B 120 6.16 -20.44 -27.39
C ARG B 120 5.70 -19.26 -26.58
N TYR B 121 6.33 -19.08 -25.42
CA TYR B 121 5.96 -18.01 -24.53
C TYR B 121 7.13 -17.15 -24.08
N PHE B 122 6.81 -15.89 -23.86
CA PHE B 122 7.74 -14.90 -23.40
C PHE B 122 7.30 -14.85 -21.95
N ILE B 123 8.11 -15.36 -21.02
CA ILE B 123 7.74 -15.33 -19.61
C ILE B 123 7.92 -13.92 -19.03
N LEU B 124 6.84 -13.39 -18.47
CA LEU B 124 6.88 -12.05 -17.91
C LEU B 124 7.00 -11.98 -16.40
N TRP B 125 8.19 -12.24 -15.89
CA TRP B 125 8.41 -12.16 -14.44
C TRP B 125 8.45 -10.71 -14.06
N LYS B 126 8.43 -9.86 -15.08
CA LYS B 126 8.45 -8.44 -14.89
C LYS B 126 7.45 -7.98 -15.92
N SER B 127 6.49 -7.16 -15.51
CA SER B 127 5.48 -6.68 -16.43
C SER B 127 6.13 -6.07 -17.65
N LEU B 128 5.37 -5.95 -18.75
CA LEU B 128 5.93 -5.32 -19.95
C LEU B 128 6.14 -3.86 -19.56
N ASP B 129 5.10 -3.22 -19.03
CA ASP B 129 5.24 -1.83 -18.62
C ASP B 129 6.43 -1.74 -17.68
N SER B 130 6.58 -2.73 -16.80
CA SER B 130 7.70 -2.76 -15.86
C SER B 130 9.02 -2.72 -16.61
N TRP B 131 9.21 -3.67 -17.52
CA TRP B 131 10.42 -3.71 -18.29
C TRP B 131 10.55 -2.36 -18.97
N ALA B 132 9.44 -1.87 -19.50
CA ALA B 132 9.40 -0.59 -20.18
C ALA B 132 10.12 0.45 -19.35
N SER B 133 9.76 0.52 -18.08
CA SER B 133 10.37 1.48 -17.17
C SER B 133 11.87 1.27 -16.97
N LEU B 134 12.24 0.04 -16.58
CA LEU B 134 13.64 -0.29 -16.37
C LEU B 134 14.47 0.08 -17.58
N ILE B 135 13.95 -0.18 -18.77
CA ILE B 135 14.67 0.18 -19.97
C ILE B 135 14.70 1.69 -20.03
N LEU B 136 13.53 2.32 -20.03
CA LEU B 136 13.49 3.78 -20.05
C LEU B 136 14.51 4.30 -19.05
N GLN B 137 14.46 3.75 -17.85
CA GLN B 137 15.37 4.13 -16.77
C GLN B 137 16.82 4.22 -17.28
N TRP B 138 17.33 3.08 -17.73
CA TRP B 138 18.69 2.97 -18.27
C TRP B 138 19.03 4.18 -19.13
N PHE B 139 18.19 4.42 -20.14
CA PHE B 139 18.36 5.55 -21.04
C PHE B 139 18.69 6.84 -20.29
N GLU B 140 17.85 7.18 -19.30
CA GLU B 140 18.07 8.37 -18.51
C GLU B 140 19.32 8.20 -17.64
N ASP B 141 19.39 7.07 -16.95
CA ASP B 141 20.54 6.78 -16.09
C ASP B 141 21.81 6.63 -16.90
N SER B 142 21.74 6.95 -18.19
CA SER B 142 22.91 6.88 -19.07
C SER B 142 22.91 8.09 -19.98
N GLY B 143 22.07 9.06 -19.64
CA GLY B 143 21.97 10.29 -20.40
C GLY B 143 21.58 10.16 -21.85
N LYS B 144 21.72 8.97 -22.43
CA LYS B 144 21.39 8.72 -23.83
C LYS B 144 19.93 9.02 -24.18
N LEU B 145 19.23 9.63 -23.23
CA LEU B 145 17.82 9.96 -23.35
C LEU B 145 17.41 10.76 -24.60
N ASN B 146 18.28 10.86 -25.60
CA ASN B 146 17.92 11.62 -26.80
C ASN B 146 18.42 10.96 -28.07
N GLN B 147 19.42 10.08 -27.93
CA GLN B 147 20.04 9.38 -29.05
C GLN B 147 19.22 8.29 -29.70
N VAL B 148 19.85 7.57 -30.62
CA VAL B 148 19.20 6.50 -31.35
C VAL B 148 19.98 5.19 -31.23
N ILE B 149 19.58 4.34 -30.29
CA ILE B 149 20.27 3.08 -30.12
C ILE B 149 19.44 1.93 -30.64
N THR B 150 20.11 0.90 -31.14
CA THR B 150 19.43 -0.26 -31.69
C THR B 150 19.01 -1.24 -30.61
N LEU B 151 18.12 -2.17 -30.95
CA LEU B 151 17.63 -3.16 -30.00
C LEU B 151 18.76 -4.15 -29.76
N TYR B 152 19.54 -4.40 -30.79
CA TYR B 152 20.65 -5.32 -30.63
C TYR B 152 21.60 -4.78 -29.57
N GLU B 153 22.02 -3.52 -29.71
CA GLU B 153 22.94 -2.97 -28.73
C GLU B 153 22.25 -2.90 -27.38
N LEU B 154 20.93 -2.81 -27.42
CA LEU B 154 20.11 -2.72 -26.22
C LEU B 154 20.19 -4.00 -25.41
N SER B 155 20.32 -5.10 -26.13
CA SER B 155 20.42 -6.42 -25.53
C SER B 155 21.86 -6.79 -25.24
N GLU B 156 22.56 -7.15 -26.31
CA GLU B 156 23.94 -7.59 -26.25
C GLU B 156 24.90 -6.61 -25.57
N GLU B 159 27.19 -4.11 -24.35
CA GLU B 159 28.27 -3.95 -23.38
C GLU B 159 28.04 -2.76 -22.42
N THR B 160 26.96 -2.03 -22.66
CA THR B 160 26.59 -0.86 -21.87
C THR B 160 25.39 -1.26 -21.03
N VAL B 161 24.67 -2.28 -21.50
CA VAL B 161 23.50 -2.79 -20.80
C VAL B 161 23.87 -3.94 -19.87
N ASN B 162 23.26 -3.94 -18.71
CA ASN B 162 23.50 -4.97 -17.71
C ASN B 162 22.48 -4.88 -16.59
N TRP B 163 21.31 -4.37 -16.97
CA TRP B 163 20.18 -4.26 -16.06
C TRP B 163 19.50 -5.60 -16.31
N GLU B 164 18.44 -5.91 -15.58
CA GLU B 164 17.77 -7.18 -15.76
C GLU B 164 17.53 -7.56 -17.23
N PHE B 165 17.22 -6.57 -18.07
CA PHE B 165 16.93 -6.84 -19.49
C PHE B 165 18.07 -7.17 -20.44
N HIS B 166 19.28 -7.12 -19.91
CA HIS B 166 20.45 -7.45 -20.71
C HIS B 166 20.23 -8.85 -21.27
N ARG B 167 20.61 -9.06 -22.52
CA ARG B 167 20.47 -10.36 -23.17
C ARG B 167 19.05 -10.77 -23.61
N MET B 168 18.08 -9.88 -23.42
CA MET B 168 16.72 -10.18 -23.82
C MET B 168 16.59 -10.22 -25.33
N PRO B 169 15.90 -11.23 -25.89
CA PRO B 169 15.77 -11.28 -27.35
C PRO B 169 15.25 -9.93 -27.86
N GLU B 170 15.57 -9.60 -29.11
CA GLU B 170 15.14 -8.33 -29.65
C GLU B 170 13.63 -8.35 -29.86
N SER B 171 13.11 -9.45 -30.41
CA SER B 171 11.67 -9.54 -30.68
C SER B 171 10.85 -9.25 -29.44
N LEU B 172 11.30 -9.77 -28.31
CA LEU B 172 10.59 -9.57 -27.07
C LEU B 172 10.95 -8.19 -26.51
N LEU B 173 12.13 -7.72 -26.85
CA LEU B 173 12.56 -6.41 -26.39
C LEU B 173 11.59 -5.41 -26.99
N TYR B 174 11.29 -5.59 -28.27
CA TYR B 174 10.38 -4.73 -28.99
C TYR B 174 9.08 -4.53 -28.24
N TYR B 175 8.52 -5.62 -27.70
CA TYR B 175 7.26 -5.50 -26.98
C TYR B 175 7.36 -4.72 -25.71
N CYS B 176 8.55 -4.64 -25.14
CA CYS B 176 8.72 -3.87 -23.90
C CYS B 176 8.91 -2.40 -24.22
N LEU B 177 9.35 -2.09 -25.43
CA LEU B 177 9.56 -0.69 -25.81
C LEU B 177 8.25 -0.06 -26.27
N LYS B 178 7.45 -0.86 -26.96
CA LYS B 178 6.17 -0.42 -27.46
C LYS B 178 5.54 0.54 -26.47
N PRO B 179 5.45 0.15 -25.17
CA PRO B 179 4.85 1.01 -24.16
C PRO B 179 5.40 2.41 -24.20
N LEU B 180 6.66 2.52 -24.59
CA LEU B 180 7.34 3.81 -24.67
C LEU B 180 6.84 4.61 -25.86
N CYS B 181 6.43 3.92 -26.92
CA CYS B 181 5.91 4.60 -28.12
C CYS B 181 4.57 5.18 -27.70
N ASP B 182 3.84 4.40 -26.89
CA ASP B 182 2.59 4.85 -26.31
C ASP B 182 3.24 5.69 -25.21
N ARG B 183 2.53 6.64 -24.63
CA ARG B 183 3.15 7.48 -23.60
C ARG B 183 4.13 8.42 -24.30
N ASN B 184 4.07 8.45 -25.63
CA ASN B 184 4.90 9.32 -26.47
C ASN B 184 6.31 9.62 -25.98
N ARG B 185 7.02 8.64 -25.44
CA ARG B 185 8.37 8.87 -24.95
C ARG B 185 9.42 8.34 -25.92
N ALA B 186 8.97 7.65 -26.96
CA ALA B 186 9.91 7.09 -27.92
C ALA B 186 9.39 6.89 -29.34
N THR B 187 10.34 6.80 -30.26
CA THR B 187 10.08 6.61 -31.68
C THR B 187 10.94 5.45 -32.13
N MET B 188 10.38 4.52 -32.89
CA MET B 188 11.14 3.38 -33.38
C MET B 188 11.59 3.57 -34.82
N LEU B 189 12.74 3.01 -35.17
CA LEU B 189 13.25 3.10 -36.53
C LEU B 189 13.41 1.70 -37.10
N LYS B 190 12.78 1.42 -38.23
CA LYS B 190 12.88 0.09 -38.84
C LYS B 190 13.82 0.13 -40.03
N ASP B 191 14.21 -1.04 -40.53
CA ASP B 191 15.12 -1.10 -41.67
C ASP B 191 14.35 -1.30 -42.94
N GLU B 192 15.06 -1.53 -44.04
CA GLU B 192 14.40 -1.70 -45.33
C GLU B 192 13.28 -2.72 -45.29
N ASN B 193 13.40 -3.73 -44.44
CA ASN B 193 12.35 -4.73 -44.31
C ASN B 193 11.49 -4.45 -43.08
N ASP B 194 10.98 -3.21 -43.03
CA ASP B 194 10.12 -2.74 -41.93
C ASP B 194 10.33 -3.51 -40.65
N LYS B 195 11.59 -3.68 -40.26
CA LYS B 195 11.91 -4.41 -39.04
C LYS B 195 12.48 -3.43 -38.04
N VAL B 196 11.85 -3.30 -36.88
CA VAL B 196 12.40 -2.39 -35.90
C VAL B 196 13.84 -2.81 -35.63
N ILE B 197 14.77 -1.88 -35.74
CA ILE B 197 16.20 -2.14 -35.53
C ILE B 197 16.77 -1.29 -34.40
N ALA B 198 16.28 -0.07 -34.28
CA ALA B 198 16.77 0.85 -33.27
C ALA B 198 15.61 1.67 -32.74
N ILE B 199 15.93 2.56 -31.81
CA ILE B 199 14.89 3.37 -31.19
C ILE B 199 15.53 4.58 -30.53
N LYS B 200 14.74 5.64 -30.40
CA LYS B 200 15.20 6.87 -29.78
C LYS B 200 14.11 7.20 -28.78
N VAL B 201 14.48 7.33 -27.51
CA VAL B 201 13.49 7.61 -26.47
C VAL B 201 13.64 8.92 -25.73
N VAL B 202 13.71 10.01 -26.46
CA VAL B 202 13.85 11.31 -25.84
C VAL B 202 12.75 11.60 -24.82
N ALA C 3 -3.24 16.98 -0.20
CA ALA C 3 -2.25 15.86 -0.29
C ALA C 3 -2.47 14.91 0.87
N LEU C 4 -2.10 15.37 2.07
CA LEU C 4 -2.24 14.61 3.31
C LEU C 4 -2.68 15.51 4.49
N PRO C 5 -3.53 14.98 5.41
CA PRO C 5 -3.99 15.82 6.53
C PRO C 5 -2.86 16.29 7.44
N PRO C 6 -3.16 17.25 8.33
CA PRO C 6 -2.11 17.74 9.22
C PRO C 6 -1.83 16.66 10.25
N VAL C 7 -2.87 15.90 10.60
CA VAL C 7 -2.75 14.83 11.58
C VAL C 7 -1.88 13.70 11.05
N TYR C 8 -1.66 13.69 9.75
CA TYR C 8 -0.84 12.64 9.17
C TYR C 8 0.57 12.69 9.76
N SER C 9 0.95 13.85 10.29
CA SER C 9 2.28 14.02 10.87
C SER C 9 2.28 13.96 12.39
N PHE C 10 1.15 13.58 12.97
CA PHE C 10 0.98 13.48 14.41
C PHE C 10 1.37 12.09 14.91
N PRO C 11 2.61 11.91 15.36
CA PRO C 11 3.18 10.64 15.87
C PRO C 11 2.26 9.67 16.58
N PRO C 12 1.59 10.12 17.64
CA PRO C 12 0.68 9.27 18.41
C PRO C 12 -0.25 8.42 17.54
N LEU C 13 -0.43 8.86 16.30
CA LEU C 13 -1.29 8.14 15.38
C LEU C 13 -0.67 6.83 14.88
N TYR C 14 0.63 6.86 14.65
CA TYR C 14 1.35 5.69 14.18
C TYR C 14 1.48 4.62 15.25
N THR C 15 1.30 5.01 16.50
CA THR C 15 1.38 4.02 17.55
C THR C 15 0.00 3.45 17.67
N ARG C 16 -0.08 2.12 17.67
CA ARG C 16 -1.37 1.47 17.79
C ARG C 16 -1.86 1.80 19.20
N GLN C 17 -3.17 1.88 19.36
CA GLN C 17 -3.71 2.22 20.65
C GLN C 17 -4.32 1.02 21.34
N PRO C 18 -3.92 0.78 22.60
CA PRO C 18 -4.44 -0.35 23.37
C PRO C 18 -5.78 0.15 23.90
N ASN C 19 -6.87 -0.34 23.31
CA ASN C 19 -8.20 0.07 23.73
C ASN C 19 -9.20 -0.17 22.60
N SER C 20 -10.11 -1.10 22.83
CA SER C 20 -11.12 -1.38 21.82
C SER C 20 -11.71 -0.05 21.35
N LEU C 21 -12.20 0.74 22.30
CA LEU C 21 -12.78 2.04 21.99
C LEU C 21 -11.86 2.92 21.16
N THR C 22 -10.72 3.32 21.74
CA THR C 22 -9.76 4.18 21.06
C THR C 22 -9.32 3.66 19.69
N ARG C 23 -8.68 2.49 19.69
CA ARG C 23 -8.20 1.90 18.43
C ARG C 23 -9.26 2.01 17.34
N ARG C 24 -10.52 1.73 17.71
CA ARG C 24 -11.64 1.80 16.79
C ARG C 24 -11.68 3.13 16.06
N GLN C 25 -11.44 4.22 16.78
CA GLN C 25 -11.43 5.56 16.18
C GLN C 25 -10.16 5.78 15.39
N GLN C 26 -9.04 5.50 16.04
CA GLN C 26 -7.73 5.63 15.42
C GLN C 26 -7.77 5.01 14.03
N ILE C 27 -8.27 3.78 13.97
CA ILE C 27 -8.35 3.09 12.68
C ILE C 27 -9.21 3.87 11.69
N SER C 28 -10.39 4.29 12.11
CA SER C 28 -11.23 5.06 11.21
C SER C 28 -10.41 6.21 10.64
N THR C 29 -9.71 6.93 11.50
CA THR C 29 -8.86 8.03 11.06
C THR C 29 -7.96 7.56 9.92
N TRP C 30 -7.32 6.41 10.08
CA TRP C 30 -6.43 5.90 9.05
C TRP C 30 -7.23 5.54 7.83
N ILE C 31 -8.33 4.82 8.03
CA ILE C 31 -9.16 4.45 6.89
C ILE C 31 -9.32 5.73 6.09
N ASP C 32 -9.85 6.74 6.78
CA ASP C 32 -10.10 8.04 6.19
C ASP C 32 -8.90 8.65 5.46
N ILE C 33 -7.75 8.66 6.11
CA ILE C 33 -6.56 9.22 5.48
C ILE C 33 -6.29 8.54 4.16
N ILE C 34 -6.45 7.21 4.14
CA ILE C 34 -6.22 6.42 2.93
C ILE C 34 -7.11 6.88 1.76
N SER C 35 -8.43 6.82 1.97
CA SER C 35 -9.36 7.20 0.94
C SER C 35 -9.02 8.57 0.40
N GLN C 36 -9.01 9.54 1.30
CA GLN C 36 -8.69 10.91 0.93
C GLN C 36 -7.40 10.98 0.13
N TYR C 37 -6.40 10.22 0.54
CA TYR C 37 -5.12 10.28 -0.16
C TYR C 37 -5.27 9.75 -1.56
N CYS C 38 -5.68 8.50 -1.66
CA CYS C 38 -5.86 7.83 -2.94
C CYS C 38 -6.79 8.63 -3.84
N LYS C 39 -7.87 9.12 -3.24
CA LYS C 39 -8.83 9.93 -3.98
C LYS C 39 -8.15 11.12 -4.66
N THR C 40 -7.53 12.00 -3.89
CA THR C 40 -6.91 13.16 -4.51
C THR C 40 -5.75 12.84 -5.44
N LYS C 41 -4.99 11.80 -5.17
CA LYS C 41 -3.90 11.48 -6.08
C LYS C 41 -4.39 10.56 -7.20
N LYS C 42 -5.70 10.34 -7.22
CA LYS C 42 -6.29 9.49 -8.23
C LYS C 42 -5.54 8.16 -8.32
N ILE C 43 -5.33 7.54 -7.16
CA ILE C 43 -4.67 6.25 -7.07
C ILE C 43 -5.71 5.16 -6.81
N TRP C 44 -5.37 3.92 -7.19
CA TRP C 44 -6.32 2.84 -7.04
C TRP C 44 -5.85 1.65 -6.28
N TYR C 45 -4.57 1.35 -6.36
CA TYR C 45 -4.00 0.19 -5.69
C TYR C 45 -3.14 0.58 -4.51
N MET C 46 -3.16 -0.28 -3.51
CA MET C 46 -2.35 -0.09 -2.32
C MET C 46 -1.90 -1.48 -1.95
N SER C 47 -0.61 -1.68 -1.75
CA SER C 47 -0.13 -3.01 -1.37
C SER C 47 -0.42 -3.14 0.11
N VAL C 48 -0.61 -4.36 0.59
CA VAL C 48 -0.92 -4.57 1.99
C VAL C 48 0.03 -3.86 2.96
N ASP C 49 1.29 -3.70 2.59
CA ASP C 49 2.23 -3.05 3.48
C ASP C 49 2.12 -1.53 3.37
N GLY C 50 1.25 -1.06 2.49
CA GLY C 50 1.06 0.37 2.35
C GLY C 50 1.66 1.01 1.13
N THR C 51 2.41 0.24 0.35
CA THR C 51 3.02 0.79 -0.86
C THR C 51 1.92 1.27 -1.81
N VAL C 52 2.15 2.39 -2.50
CA VAL C 52 1.14 2.90 -3.40
C VAL C 52 1.47 2.55 -4.84
N ILE C 53 0.56 1.83 -5.48
CA ILE C 53 0.72 1.41 -6.86
C ILE C 53 0.13 2.40 -7.88
N ASN C 54 0.82 2.60 -9.00
CA ASN C 54 0.32 3.51 -10.03
C ASN C 54 0.69 3.07 -11.45
N ASP C 55 0.91 4.05 -12.32
CA ASP C 55 1.25 3.78 -13.72
C ASP C 55 1.67 5.08 -14.40
N ASN C 56 2.88 5.53 -14.07
CA ASN C 56 3.47 6.77 -14.60
C ASN C 56 4.38 6.50 -15.81
N LYS C 73 7.13 5.16 -2.46
CA LYS C 73 6.26 5.78 -1.48
C LYS C 73 5.33 4.78 -0.80
N ASN C 74 5.25 4.87 0.51
CA ASN C 74 4.41 3.99 1.30
C ASN C 74 3.71 4.91 2.29
N LEU C 75 2.39 4.80 2.33
CA LEU C 75 1.53 5.63 3.14
C LEU C 75 1.47 5.26 4.61
N PHE C 76 2.11 4.17 5.00
CA PHE C 76 2.10 3.75 6.39
C PHE C 76 3.48 3.95 7.04
N ASN C 77 4.42 4.40 6.22
CA ASN C 77 5.78 4.65 6.65
C ASN C 77 6.01 6.14 6.47
N ASN C 78 5.99 6.89 7.57
CA ASN C 78 6.19 8.33 7.50
C ASN C 78 7.66 8.68 7.66
N GLU C 79 8.29 9.08 6.56
CA GLU C 79 9.70 9.45 6.58
C GLU C 79 9.92 10.70 7.43
N ASP C 80 9.19 11.76 7.11
CA ASP C 80 9.30 13.03 7.85
C ASP C 80 9.15 12.90 9.36
N ILE C 81 8.21 12.07 9.81
CA ILE C 81 7.95 11.88 11.24
C ILE C 81 8.80 10.75 11.83
N GLN C 82 9.47 9.99 10.97
CA GLN C 82 10.28 8.85 11.40
C GLN C 82 9.44 7.89 12.24
N ARG C 83 8.32 7.45 11.68
CA ARG C 83 7.42 6.53 12.35
C ARG C 83 6.72 5.64 11.34
N SER C 84 6.37 4.43 11.76
CA SER C 84 5.69 3.49 10.89
C SER C 84 4.72 2.59 11.63
N VAL C 85 3.57 2.37 11.01
CA VAL C 85 2.54 1.51 11.58
C VAL C 85 2.95 0.05 11.43
N SER C 86 2.83 -0.71 12.52
CA SER C 86 3.18 -2.12 12.48
C SER C 86 2.24 -2.84 11.50
N GLN C 87 2.78 -3.82 10.78
CA GLN C 87 1.99 -4.60 9.86
C GLN C 87 0.78 -5.13 10.63
N VAL C 88 1.01 -5.63 11.84
CA VAL C 88 -0.08 -6.14 12.65
C VAL C 88 -1.25 -5.14 12.62
N PHE C 89 -0.96 -3.90 12.97
CA PHE C 89 -1.98 -2.89 13.00
C PHE C 89 -2.56 -2.71 11.62
N ILE C 90 -1.69 -2.43 10.65
CA ILE C 90 -2.12 -2.25 9.25
C ILE C 90 -3.16 -3.29 8.85
N ASP C 91 -2.90 -4.55 9.15
CA ASP C 91 -3.83 -5.60 8.83
C ASP C 91 -5.19 -5.31 9.49
N GLU C 92 -5.17 -4.84 10.73
CA GLU C 92 -6.42 -4.52 11.42
C GLU C 92 -7.09 -3.42 10.64
N ILE C 93 -6.29 -2.46 10.21
CA ILE C 93 -6.79 -1.34 9.44
C ILE C 93 -7.54 -1.82 8.23
N TRP C 94 -6.88 -2.64 7.42
CA TRP C 94 -7.48 -3.17 6.20
C TRP C 94 -8.79 -3.89 6.47
N SER C 95 -8.75 -4.97 7.23
CA SER C 95 -9.97 -5.72 7.51
C SER C 95 -11.06 -4.74 7.88
N GLN C 96 -10.78 -3.86 8.84
CA GLN C 96 -11.76 -2.89 9.27
C GLN C 96 -12.29 -2.16 8.06
N MET C 97 -11.36 -1.66 7.24
CA MET C 97 -11.71 -0.93 6.03
C MET C 97 -12.47 -1.83 5.07
N THR C 98 -12.18 -3.11 5.14
CA THR C 98 -12.84 -4.06 4.27
C THR C 98 -14.24 -4.28 4.79
N LYS C 99 -14.36 -4.47 6.09
CA LYS C 99 -15.68 -4.67 6.67
C LYS C 99 -16.59 -3.51 6.27
N GLU C 100 -16.01 -2.31 6.24
CA GLU C 100 -16.77 -1.12 5.90
C GLU C 100 -17.03 -0.92 4.41
N GLY C 101 -16.39 -1.71 3.56
CA GLY C 101 -16.59 -1.52 2.13
C GLY C 101 -15.78 -0.37 1.56
N LYS C 102 -14.86 0.18 2.36
CA LYS C 102 -14.01 1.29 1.92
C LYS C 102 -12.87 0.84 0.97
N CYS C 103 -12.57 -0.46 0.97
CA CYS C 103 -11.51 -1.00 0.12
C CYS C 103 -11.89 -2.37 -0.43
N LEU C 104 -11.19 -2.84 -1.44
CA LEU C 104 -11.47 -4.13 -2.03
C LEU C 104 -10.25 -5.01 -2.10
N PRO C 105 -10.29 -6.16 -1.40
CA PRO C 105 -9.21 -7.15 -1.31
C PRO C 105 -9.01 -7.92 -2.58
N ILE C 106 -7.80 -7.91 -3.09
CA ILE C 106 -7.51 -8.63 -4.31
C ILE C 106 -6.13 -9.24 -4.19
N ASP C 107 -5.88 -10.25 -5.03
CA ASP C 107 -4.60 -10.94 -5.07
C ASP C 107 -3.90 -10.49 -6.31
N GLN C 108 -2.83 -11.17 -6.68
CA GLN C 108 -2.11 -10.78 -7.89
C GLN C 108 -3.16 -10.68 -9.00
N SER C 109 -3.99 -11.73 -9.09
CA SER C 109 -5.06 -11.84 -10.07
C SER C 109 -6.41 -11.23 -9.66
N GLY C 110 -7.44 -12.08 -9.44
CA GLY C 110 -8.78 -11.64 -9.08
C GLY C 110 -8.95 -11.03 -7.69
N ARG C 111 -9.90 -11.55 -6.91
CA ARG C 111 -10.17 -11.07 -5.55
C ARG C 111 -10.43 -12.29 -4.71
N ARG C 112 -9.99 -12.27 -3.45
CA ARG C 112 -10.19 -13.40 -2.56
C ARG C 112 -9.88 -13.01 -1.13
N SER C 113 -9.91 -14.01 -0.23
CA SER C 113 -9.68 -13.81 1.21
C SER C 113 -8.26 -13.55 1.69
N SER C 114 -8.14 -13.28 2.98
CA SER C 114 -6.86 -13.00 3.61
C SER C 114 -5.83 -14.09 3.29
N ASN C 115 -6.00 -15.25 3.94
CA ASN C 115 -5.11 -16.38 3.75
C ASN C 115 -4.97 -16.58 2.27
N THR C 116 -6.13 -16.72 1.59
CA THR C 116 -6.18 -16.92 0.13
C THR C 116 -5.33 -15.88 -0.58
N THR C 117 -4.44 -15.32 0.22
CA THR C 117 -3.44 -14.38 -0.20
C THR C 117 -3.90 -13.13 -0.90
N THR C 118 -4.42 -12.19 -0.13
CA THR C 118 -4.83 -10.93 -0.69
C THR C 118 -3.53 -10.15 -0.67
N THR C 119 -3.10 -9.70 -1.83
CA THR C 119 -1.83 -9.01 -1.95
C THR C 119 -1.97 -7.52 -1.89
N ARG C 120 -3.07 -6.97 -2.39
CA ARG C 120 -3.26 -5.53 -2.41
C ARG C 120 -4.71 -5.14 -2.28
N TYR C 121 -4.96 -3.85 -2.25
CA TYR C 121 -6.31 -3.37 -2.13
C TYR C 121 -6.75 -2.37 -3.20
N PHE C 122 -8.04 -2.45 -3.51
CA PHE C 122 -8.69 -1.57 -4.46
C PHE C 122 -9.35 -0.61 -3.46
N ILE C 123 -8.94 0.65 -3.46
CA ILE C 123 -9.52 1.58 -2.53
C ILE C 123 -10.87 2.07 -3.05
N LEU C 124 -11.91 1.86 -2.27
CA LEU C 124 -13.23 2.29 -2.69
C LEU C 124 -13.71 3.59 -2.06
N TRP C 125 -13.26 4.71 -2.63
CA TRP C 125 -13.69 6.02 -2.14
C TRP C 125 -15.06 6.30 -2.72
N LYS C 126 -15.47 5.43 -3.62
CA LYS C 126 -16.75 5.51 -4.27
C LYS C 126 -17.23 4.05 -4.30
N SER C 127 -18.41 3.79 -3.76
CA SER C 127 -18.95 2.44 -3.76
C SER C 127 -18.80 1.78 -5.13
N LEU C 128 -18.82 0.45 -5.18
CA LEU C 128 -18.74 -0.21 -6.47
C LEU C 128 -20.02 0.19 -7.17
N ASP C 129 -21.16 -0.06 -6.50
CA ASP C 129 -22.48 0.30 -7.05
C ASP C 129 -22.43 1.74 -7.54
N SER C 130 -21.78 2.59 -6.76
CA SER C 130 -21.64 3.99 -7.09
C SER C 130 -20.91 4.14 -8.41
N TRP C 131 -19.75 3.52 -8.50
CA TRP C 131 -18.96 3.59 -9.73
C TRP C 131 -19.81 3.01 -10.85
N ALA C 132 -20.53 1.95 -10.53
CA ALA C 132 -21.38 1.30 -11.51
C ALA C 132 -22.27 2.35 -12.16
N SER C 133 -22.90 3.16 -11.33
CA SER C 133 -23.79 4.21 -11.79
C SER C 133 -23.05 5.23 -12.63
N LEU C 134 -22.00 5.83 -12.09
CA LEU C 134 -21.24 6.83 -12.82
C LEU C 134 -20.81 6.32 -14.20
N ILE C 135 -20.43 5.05 -14.27
CA ILE C 135 -20.03 4.50 -15.55
C ILE C 135 -21.29 4.40 -16.39
N LEU C 136 -22.29 3.69 -15.87
CA LEU C 136 -23.54 3.54 -16.61
C LEU C 136 -23.92 4.91 -17.16
N GLN C 137 -23.89 5.89 -16.28
CA GLN C 137 -24.21 7.27 -16.61
C GLN C 137 -23.52 7.62 -17.91
N TRP C 138 -22.19 7.64 -17.88
CA TRP C 138 -21.38 7.96 -19.05
C TRP C 138 -22.03 7.37 -20.30
N PHE C 139 -22.25 6.06 -20.26
CA PHE C 139 -22.87 5.38 -21.39
C PHE C 139 -24.07 6.12 -21.93
N GLU C 140 -25.01 6.47 -21.06
CA GLU C 140 -26.19 7.17 -21.48
C GLU C 140 -25.84 8.59 -21.91
N ASP C 141 -25.11 9.30 -21.05
CA ASP C 141 -24.69 10.67 -21.34
C ASP C 141 -23.78 10.74 -22.57
N SER C 142 -23.65 9.62 -23.28
CA SER C 142 -22.81 9.54 -24.47
C SER C 142 -23.54 8.71 -25.53
N GLY C 143 -24.83 8.49 -25.26
CA GLY C 143 -25.68 7.74 -26.16
C GLY C 143 -25.26 6.32 -26.50
N LYS C 144 -23.98 5.99 -26.30
CA LYS C 144 -23.46 4.66 -26.58
C LYS C 144 -24.19 3.55 -25.81
N LEU C 145 -25.30 3.90 -25.19
CA LEU C 145 -26.10 2.96 -24.40
C LEU C 145 -26.53 1.66 -25.07
N ASN C 146 -25.98 1.36 -26.24
CA ASN C 146 -26.35 0.13 -26.93
C ASN C 146 -25.18 -0.57 -27.59
N GLN C 147 -24.07 0.15 -27.74
CA GLN C 147 -22.85 -0.38 -28.35
C GLN C 147 -22.01 -1.33 -27.49
N VAL C 148 -20.86 -1.71 -28.02
CA VAL C 148 -19.96 -2.62 -27.34
C VAL C 148 -18.59 -2.00 -27.21
N ILE C 149 -18.30 -1.45 -26.04
CA ILE C 149 -17.00 -0.85 -25.82
C ILE C 149 -16.18 -1.69 -24.87
N THR C 150 -14.88 -1.67 -25.08
CA THR C 150 -13.95 -2.45 -24.28
C THR C 150 -13.62 -1.74 -22.98
N LEU C 151 -13.15 -2.50 -21.99
CA LEU C 151 -12.81 -1.91 -20.71
C LEU C 151 -11.59 -1.03 -20.90
N TYR C 152 -10.71 -1.43 -21.80
CA TYR C 152 -9.51 -0.64 -22.04
C TYR C 152 -9.91 0.76 -22.51
N GLU C 153 -10.81 0.83 -23.49
CA GLU C 153 -11.21 2.13 -23.97
C GLU C 153 -12.00 2.83 -22.88
N LEU C 154 -12.61 2.03 -22.01
CA LEU C 154 -13.40 2.58 -20.93
C LEU C 154 -12.51 3.43 -20.08
N SER C 155 -11.21 3.24 -20.27
CA SER C 155 -10.17 3.98 -19.58
C SER C 155 -8.98 4.03 -20.52
N GLU C 159 -9.91 9.42 -26.16
CA GLU C 159 -10.06 10.15 -24.91
C GLU C 159 -11.53 10.40 -24.64
N THR C 160 -12.36 9.40 -24.93
CA THR C 160 -13.79 9.54 -24.75
C THR C 160 -14.16 9.61 -23.27
N VAL C 161 -13.41 8.88 -22.45
CA VAL C 161 -13.66 8.88 -21.01
C VAL C 161 -12.82 9.94 -20.32
N ASN C 162 -13.43 10.58 -19.34
CA ASN C 162 -12.77 11.62 -18.58
C ASN C 162 -13.63 11.98 -17.37
N TRP C 163 -14.39 10.99 -16.92
CA TRP C 163 -15.23 11.12 -15.74
C TRP C 163 -14.26 10.62 -14.65
N GLU C 164 -14.67 10.68 -13.39
CA GLU C 164 -13.80 10.25 -12.31
C GLU C 164 -13.09 8.92 -12.57
N PHE C 165 -13.78 7.98 -13.22
CA PHE C 165 -13.22 6.65 -13.47
C PHE C 165 -12.17 6.54 -14.58
N HIS C 166 -11.89 7.65 -15.25
CA HIS C 166 -10.89 7.61 -16.30
C HIS C 166 -9.57 7.11 -15.69
N ARG C 167 -8.84 6.28 -16.42
CA ARG C 167 -7.55 5.74 -15.95
C ARG C 167 -7.64 4.65 -14.87
N MET C 168 -8.83 4.18 -14.59
CA MET C 168 -9.01 3.13 -13.60
C MET C 168 -8.54 1.81 -14.16
N PRO C 169 -7.78 1.02 -13.37
CA PRO C 169 -7.31 -0.27 -13.88
C PRO C 169 -8.52 -1.05 -14.41
N GLU C 170 -8.26 -1.96 -15.35
CA GLU C 170 -9.34 -2.73 -15.93
C GLU C 170 -9.85 -3.75 -14.93
N SER C 171 -8.94 -4.39 -14.21
CA SER C 171 -9.33 -5.40 -13.25
C SER C 171 -10.28 -4.83 -12.24
N LEU C 172 -10.00 -3.60 -11.82
CA LEU C 172 -10.85 -2.99 -10.82
C LEU C 172 -12.11 -2.44 -11.50
N LEU C 173 -11.97 -2.06 -12.76
CA LEU C 173 -13.09 -1.54 -13.54
C LEU C 173 -14.12 -2.67 -13.61
N TYR C 174 -13.64 -3.87 -13.95
CA TYR C 174 -14.50 -5.03 -14.01
C TYR C 174 -15.40 -5.11 -12.79
N TYR C 175 -14.87 -4.90 -11.59
CA TYR C 175 -15.72 -4.99 -10.41
C TYR C 175 -16.77 -3.90 -10.32
N CYS C 176 -16.54 -2.77 -10.98
CA CYS C 176 -17.53 -1.70 -10.95
C CYS C 176 -18.65 -2.00 -11.94
N LEU C 177 -18.33 -2.71 -13.01
CA LEU C 177 -19.32 -3.05 -14.02
C LEU C 177 -20.21 -4.21 -13.59
N LYS C 178 -19.64 -5.15 -12.86
CA LYS C 178 -20.38 -6.30 -12.37
C LYS C 178 -21.78 -5.88 -11.92
N PRO C 179 -21.88 -4.79 -11.13
CA PRO C 179 -23.20 -4.35 -10.67
C PRO C 179 -24.14 -4.19 -11.82
N LEU C 180 -23.61 -3.78 -12.97
CA LEU C 180 -24.41 -3.59 -14.18
C LEU C 180 -24.90 -4.93 -14.74
N CYS C 181 -24.15 -6.01 -14.50
CA CYS C 181 -24.55 -7.32 -14.98
C CYS C 181 -25.70 -7.75 -14.10
N ASP C 182 -25.59 -7.38 -12.82
CA ASP C 182 -26.66 -7.62 -11.87
C ASP C 182 -27.51 -6.42 -12.30
N ARG C 183 -28.80 -6.38 -11.99
CA ARG C 183 -29.59 -5.24 -12.43
C ARG C 183 -29.78 -5.35 -13.96
N ASN C 184 -29.40 -6.50 -14.51
CA ASN C 184 -29.53 -6.77 -15.94
C ASN C 184 -29.40 -5.59 -16.91
N ARG C 185 -28.40 -4.76 -16.75
CA ARG C 185 -28.28 -3.63 -17.68
C ARG C 185 -27.09 -3.82 -18.60
N ALA C 186 -26.30 -4.88 -18.36
CA ALA C 186 -25.14 -5.12 -19.20
C ALA C 186 -24.71 -6.58 -19.31
N THR C 187 -23.96 -6.84 -20.38
CA THR C 187 -23.45 -8.17 -20.68
C THR C 187 -21.98 -8.00 -20.94
N MET C 188 -21.16 -8.88 -20.35
CA MET C 188 -19.71 -8.78 -20.56
C MET C 188 -19.22 -9.76 -21.60
N LEU C 189 -18.18 -9.39 -22.32
CA LEU C 189 -17.60 -10.26 -23.34
C LEU C 189 -16.14 -10.57 -22.99
N LYS C 190 -15.81 -11.85 -22.87
CA LYS C 190 -14.43 -12.24 -22.55
C LYS C 190 -13.70 -12.77 -23.78
N ASP C 191 -12.38 -12.83 -23.71
CA ASP C 191 -11.59 -13.30 -24.84
C ASP C 191 -11.30 -14.79 -24.69
N GLU C 192 -10.49 -15.33 -25.59
CA GLU C 192 -10.17 -16.77 -25.57
C GLU C 192 -9.79 -17.30 -24.19
N ASN C 193 -9.08 -16.47 -23.41
CA ASN C 193 -8.66 -16.84 -22.08
C ASN C 193 -9.65 -16.27 -21.09
N ASP C 194 -10.92 -16.58 -21.28
CA ASP C 194 -11.99 -16.11 -20.40
C ASP C 194 -11.65 -14.87 -19.59
N LYS C 195 -11.18 -13.84 -20.28
CA LYS C 195 -10.85 -12.59 -19.65
C LYS C 195 -11.79 -11.51 -20.16
N VAL C 196 -12.47 -10.84 -19.25
CA VAL C 196 -13.38 -9.78 -19.67
C VAL C 196 -12.56 -8.72 -20.38
N ILE C 197 -12.99 -8.40 -21.60
CA ILE C 197 -12.25 -7.44 -22.41
C ILE C 197 -13.13 -6.27 -22.80
N ALA C 198 -14.40 -6.54 -22.96
CA ALA C 198 -15.34 -5.50 -23.35
C ALA C 198 -16.69 -5.76 -22.71
N ILE C 199 -17.60 -4.81 -22.92
CA ILE C 199 -18.92 -4.92 -22.33
C ILE C 199 -19.91 -4.13 -23.16
N LYS C 200 -21.19 -4.50 -23.04
CA LYS C 200 -22.27 -3.83 -23.72
C LYS C 200 -23.35 -3.61 -22.67
N VAL C 201 -23.79 -2.36 -22.54
CA VAL C 201 -24.82 -1.99 -21.56
C VAL C 201 -26.09 -1.46 -22.25
N SER D 2 -19.55 15.21 10.37
CA SER D 2 -20.17 15.91 9.19
C SER D 2 -19.25 17.02 8.66
N ALA D 3 -19.17 18.12 9.40
CA ALA D 3 -18.32 19.23 9.01
C ALA D 3 -16.96 18.97 9.64
N LEU D 4 -16.86 17.83 10.31
CA LEU D 4 -15.62 17.45 10.98
C LEU D 4 -14.99 16.16 10.45
N PRO D 5 -13.70 15.98 10.74
CA PRO D 5 -12.89 14.84 10.36
C PRO D 5 -12.97 13.68 11.35
N PRO D 6 -12.75 12.46 10.88
CA PRO D 6 -12.80 11.25 11.71
C PRO D 6 -11.71 11.26 12.78
N VAL D 7 -10.77 12.19 12.65
CA VAL D 7 -9.65 12.32 13.58
C VAL D 7 -10.04 13.16 14.80
N TYR D 8 -11.15 13.88 14.64
CA TYR D 8 -11.70 14.72 15.70
C TYR D 8 -12.20 13.88 16.87
N SER D 9 -11.89 12.58 16.88
CA SER D 9 -12.32 11.67 17.93
C SER D 9 -11.14 10.84 18.41
N PHE D 10 -9.96 11.28 18.03
CA PHE D 10 -8.74 10.58 18.40
C PHE D 10 -8.26 11.22 19.70
N PRO D 11 -8.54 10.58 20.84
CA PRO D 11 -8.15 11.07 22.16
C PRO D 11 -6.75 11.68 22.29
N PRO D 12 -5.71 10.99 21.80
CA PRO D 12 -4.35 11.54 21.92
C PRO D 12 -4.26 13.03 21.57
N LEU D 13 -5.16 13.47 20.68
CA LEU D 13 -5.25 14.85 20.22
C LEU D 13 -5.86 15.75 21.28
N TYR D 14 -6.91 15.25 21.93
CA TYR D 14 -7.60 15.95 23.01
C TYR D 14 -6.73 15.88 24.26
N THR D 15 -5.42 15.83 24.05
CA THR D 15 -4.46 15.74 25.14
C THR D 15 -3.19 16.50 24.77
N ARG D 16 -2.89 17.52 25.57
CA ARG D 16 -1.70 18.35 25.35
C ARG D 16 -0.52 17.42 25.17
N GLN D 17 0.61 17.95 24.71
CA GLN D 17 1.74 17.06 24.50
C GLN D 17 3.09 17.71 24.30
N PRO D 18 4.16 17.06 24.80
CA PRO D 18 5.55 17.52 24.69
C PRO D 18 6.01 17.71 23.24
N THR D 22 7.00 17.67 18.68
CA THR D 22 6.03 17.32 17.64
C THR D 22 4.79 18.19 17.72
N ARG D 23 4.12 18.18 18.87
CA ARG D 23 2.91 18.99 19.09
C ARG D 23 2.96 20.36 18.43
N ARG D 24 4.17 20.84 18.15
CA ARG D 24 4.35 22.13 17.48
C ARG D 24 3.45 22.12 16.26
N GLN D 25 3.05 20.92 15.86
CA GLN D 25 2.19 20.72 14.70
C GLN D 25 0.85 20.10 15.13
N GLN D 26 0.77 19.54 16.34
CA GLN D 26 -0.50 18.97 16.81
C GLN D 26 -1.48 20.13 16.77
N ILE D 27 -0.94 21.31 17.07
CA ILE D 27 -1.72 22.53 17.08
C ILE D 27 -2.21 22.71 15.67
N SER D 28 -1.29 22.59 14.71
CA SER D 28 -1.63 22.74 13.30
C SER D 28 -2.84 21.90 12.98
N THR D 29 -2.92 20.71 13.57
CA THR D 29 -4.05 19.83 13.34
C THR D 29 -5.33 20.49 13.83
N TRP D 30 -5.34 20.97 15.07
CA TRP D 30 -6.54 21.64 15.62
C TRP D 30 -6.91 22.90 14.83
N ILE D 31 -5.90 23.69 14.48
CA ILE D 31 -6.14 24.90 13.72
C ILE D 31 -6.94 24.49 12.49
N ASP D 32 -6.45 23.46 11.80
CA ASP D 32 -7.14 22.98 10.60
C ASP D 32 -8.53 22.55 11.00
N ILE D 33 -8.62 21.72 12.03
CA ILE D 33 -9.90 21.24 12.51
C ILE D 33 -10.86 22.40 12.65
N ILE D 34 -10.40 23.46 13.33
CA ILE D 34 -11.16 24.69 13.56
C ILE D 34 -11.53 25.31 12.22
N SER D 35 -10.52 25.91 11.61
CA SER D 35 -10.67 26.58 10.33
C SER D 35 -11.61 25.86 9.36
N GLN D 36 -11.40 24.57 9.18
CA GLN D 36 -12.22 23.80 8.25
C GLN D 36 -13.65 23.61 8.72
N TYR D 37 -13.84 23.62 10.03
CA TYR D 37 -15.16 23.45 10.62
C TYR D 37 -16.01 24.65 10.26
N CYS D 38 -15.70 25.76 10.91
CA CYS D 38 -16.42 26.99 10.68
C CYS D 38 -16.62 27.20 9.19
N LYS D 39 -15.53 27.18 8.42
CA LYS D 39 -15.61 27.38 6.97
C LYS D 39 -16.84 26.75 6.30
N THR D 40 -17.04 25.46 6.53
CA THR D 40 -18.19 24.79 5.92
C THR D 40 -19.45 25.30 6.57
N LYS D 41 -19.49 25.23 7.91
CA LYS D 41 -20.65 25.68 8.66
C LYS D 41 -20.70 27.19 8.81
N LYS D 42 -20.11 27.89 7.84
CA LYS D 42 -20.06 29.34 7.80
C LYS D 42 -19.90 30.05 9.15
N ILE D 43 -19.35 29.37 10.15
CA ILE D 43 -19.18 30.00 11.45
C ILE D 43 -18.12 31.09 11.29
N TRP D 44 -18.26 32.20 12.01
CA TRP D 44 -17.26 33.28 11.95
C TRP D 44 -16.69 33.57 13.34
N TYR D 45 -17.57 33.75 14.33
CA TYR D 45 -17.12 34.00 15.69
C TYR D 45 -16.73 32.65 16.22
N MET D 46 -16.20 32.59 17.45
CA MET D 46 -15.82 31.32 18.04
C MET D 46 -15.42 31.34 19.52
N SER D 47 -15.31 32.53 20.09
CA SER D 47 -14.95 32.66 21.51
C SER D 47 -13.59 32.08 21.87
N VAL D 48 -13.50 31.57 23.10
CA VAL D 48 -12.28 30.99 23.64
C VAL D 48 -12.44 29.49 23.79
N ASP D 49 -13.29 29.09 24.72
CA ASP D 49 -13.57 27.69 25.01
C ASP D 49 -14.26 27.04 23.82
N GLY D 50 -14.51 27.84 22.78
CA GLY D 50 -15.16 27.34 21.59
C GLY D 50 -16.62 27.77 21.56
N THR D 51 -17.48 26.95 22.14
CA THR D 51 -18.90 27.24 22.19
C THR D 51 -19.46 27.43 20.80
N VAL D 52 -20.06 26.38 20.24
CA VAL D 52 -20.65 26.46 18.92
C VAL D 52 -21.36 27.79 18.84
N ILE D 53 -21.21 28.48 17.71
CA ILE D 53 -21.85 29.79 17.50
C ILE D 53 -22.70 29.77 16.23
N ASN D 54 -23.58 28.77 16.14
CA ASN D 54 -24.43 28.62 14.98
C ASN D 54 -25.55 29.65 15.02
N ASN D 74 -17.16 24.15 23.23
CA ASN D 74 -18.06 23.25 22.50
C ASN D 74 -17.28 22.41 21.48
N LEU D 75 -16.50 23.08 20.64
CA LEU D 75 -15.68 22.41 19.64
C LEU D 75 -14.41 21.90 20.31
N PHE D 76 -14.22 22.21 21.59
CA PHE D 76 -13.03 21.72 22.29
C PHE D 76 -13.45 20.72 23.36
N ASN D 77 -14.77 20.57 23.48
CA ASN D 77 -15.36 19.64 24.45
C ASN D 77 -16.11 18.58 23.66
N ASN D 78 -15.48 17.41 23.52
CA ASN D 78 -16.05 16.29 22.77
C ASN D 78 -16.92 15.42 23.67
N GLU D 79 -18.23 15.56 23.51
CA GLU D 79 -19.18 14.78 24.30
C GLU D 79 -19.06 13.29 23.97
N ASP D 80 -19.18 12.96 22.68
CA ASP D 80 -19.10 11.58 22.22
C ASP D 80 -17.85 10.83 22.70
N ILE D 81 -16.71 11.52 22.68
CA ILE D 81 -15.44 10.95 23.11
C ILE D 81 -15.20 11.12 24.60
N GLN D 82 -16.00 11.94 25.24
CA GLN D 82 -15.83 12.20 26.67
C GLN D 82 -14.42 12.69 26.95
N ARG D 83 -14.02 13.73 26.23
CA ARG D 83 -12.69 14.34 26.38
C ARG D 83 -12.73 15.84 26.12
N SER D 84 -11.86 16.58 26.80
CA SER D 84 -11.82 18.03 26.58
C SER D 84 -10.41 18.61 26.70
N VAL D 85 -10.10 19.55 25.81
CA VAL D 85 -8.80 20.19 25.79
C VAL D 85 -8.70 21.20 26.92
N SER D 86 -7.59 21.14 27.65
CA SER D 86 -7.37 22.05 28.76
C SER D 86 -7.29 23.47 28.22
N GLN D 87 -7.88 24.42 28.96
CA GLN D 87 -7.85 25.81 28.55
C GLN D 87 -6.40 26.19 28.28
N VAL D 88 -5.50 25.75 29.16
CA VAL D 88 -4.08 26.03 28.99
C VAL D 88 -3.66 25.73 27.55
N PHE D 89 -3.99 24.54 27.09
CA PHE D 89 -3.66 24.14 25.73
C PHE D 89 -4.36 25.06 24.75
N ILE D 90 -5.69 25.10 24.84
CA ILE D 90 -6.52 25.93 23.97
C ILE D 90 -5.88 27.28 23.72
N ASP D 91 -5.36 27.89 24.79
CA ASP D 91 -4.74 29.19 24.65
C ASP D 91 -3.54 29.06 23.72
N GLU D 92 -2.76 28.01 23.92
CA GLU D 92 -1.62 27.79 23.08
C GLU D 92 -2.11 27.70 21.64
N ILE D 93 -3.22 26.99 21.47
CA ILE D 93 -3.83 26.81 20.16
C ILE D 93 -4.14 28.16 19.51
N TRP D 94 -4.87 29.00 20.24
CA TRP D 94 -5.24 30.33 19.71
C TRP D 94 -4.05 31.18 19.31
N SER D 95 -3.15 31.44 20.26
CA SER D 95 -1.99 32.25 19.93
C SER D 95 -1.35 31.71 18.67
N GLN D 96 -1.08 30.41 18.67
CA GLN D 96 -0.46 29.80 17.51
C GLN D 96 -1.25 30.18 16.26
N MET D 97 -2.57 29.96 16.33
CA MET D 97 -3.47 30.25 15.23
C MET D 97 -3.47 31.73 14.89
N THR D 98 -3.20 32.54 15.91
CA THR D 98 -3.16 33.97 15.73
C THR D 98 -1.86 34.35 15.04
N LYS D 99 -0.76 33.76 15.52
CA LYS D 99 0.53 34.04 14.92
C LYS D 99 0.41 33.73 13.43
N GLU D 100 -0.28 32.63 13.12
CA GLU D 100 -0.44 32.20 11.73
C GLU D 100 -1.44 33.03 10.94
N GLY D 101 -2.24 33.83 11.63
CA GLY D 101 -3.21 34.61 10.91
C GLY D 101 -4.42 33.78 10.48
N LYS D 102 -4.65 32.66 11.16
CA LYS D 102 -5.78 31.80 10.84
C LYS D 102 -7.03 32.30 11.59
N CYS D 103 -6.81 33.12 12.61
CA CYS D 103 -7.92 33.65 13.38
C CYS D 103 -7.65 35.10 13.72
N LEU D 104 -8.67 35.78 14.23
CA LEU D 104 -8.55 37.17 14.60
C LEU D 104 -9.10 37.37 16.00
N PRO D 105 -8.26 37.85 16.93
CA PRO D 105 -8.61 38.10 18.35
C PRO D 105 -9.51 39.34 18.45
N ILE D 106 -10.75 39.12 18.85
CA ILE D 106 -11.72 40.22 18.93
C ILE D 106 -12.82 39.89 19.93
N TYR D 121 -12.88 34.01 19.19
CA TYR D 121 -12.28 34.80 18.12
C TYR D 121 -13.09 34.75 16.83
N PHE D 122 -12.59 35.47 15.82
CA PHE D 122 -13.22 35.51 14.50
C PHE D 122 -12.39 34.45 13.82
N ILE D 123 -13.00 33.57 13.05
CA ILE D 123 -12.20 32.54 12.40
C ILE D 123 -11.76 32.95 11.00
N LEU D 124 -10.47 33.30 10.90
CA LEU D 124 -9.86 33.74 9.66
C LEU D 124 -9.48 32.57 8.74
N TRP D 125 -10.46 31.74 8.44
CA TRP D 125 -10.25 30.60 7.57
C TRP D 125 -10.04 31.09 6.16
N LYS D 126 -9.28 32.17 6.00
CA LYS D 126 -9.03 32.77 4.69
C LYS D 126 -8.47 34.16 4.92
N SER D 127 -7.23 34.36 4.46
CA SER D 127 -6.58 35.64 4.61
C SER D 127 -7.51 36.79 4.26
N LEU D 128 -7.40 37.85 5.05
CA LEU D 128 -8.18 39.05 4.89
C LEU D 128 -7.70 39.67 3.57
N ASP D 129 -6.42 39.48 3.26
CA ASP D 129 -5.88 40.01 2.03
C ASP D 129 -6.53 39.27 0.86
N SER D 130 -7.01 38.05 1.12
CA SER D 130 -7.69 37.28 0.10
C SER D 130 -9.05 37.96 0.07
N TRP D 131 -9.76 37.81 1.19
CA TRP D 131 -11.09 38.40 1.37
C TRP D 131 -11.19 39.73 0.62
N ALA D 132 -10.18 40.57 0.78
CA ALA D 132 -10.18 41.84 0.08
C ALA D 132 -10.32 41.54 -1.40
N SER D 133 -9.33 40.88 -1.97
CA SER D 133 -9.36 40.57 -3.40
C SER D 133 -10.69 40.02 -3.90
N LEU D 134 -11.37 39.25 -3.06
CA LEU D 134 -12.66 38.70 -3.45
C LEU D 134 -13.54 39.93 -3.55
N ILE D 135 -13.80 40.55 -2.40
CA ILE D 135 -14.60 41.77 -2.32
C ILE D 135 -14.35 42.58 -3.60
N LEU D 136 -13.10 43.00 -3.78
CA LEU D 136 -12.72 43.79 -4.94
C LEU D 136 -13.10 43.18 -6.30
N GLN D 137 -12.96 41.87 -6.49
CA GLN D 137 -13.35 41.29 -7.79
C GLN D 137 -14.84 41.55 -7.98
N TRP D 138 -15.53 41.70 -6.85
CA TRP D 138 -16.96 41.95 -6.87
C TRP D 138 -17.26 43.29 -7.55
N PHE D 139 -16.69 44.39 -7.03
CA PHE D 139 -16.92 45.70 -7.65
C PHE D 139 -16.61 45.61 -9.15
N GLY D 143 -20.74 44.73 -11.00
CA GLY D 143 -20.31 45.81 -11.87
C GLY D 143 -20.47 47.19 -11.23
N LYS D 144 -20.55 47.21 -9.90
CA LYS D 144 -20.70 48.44 -9.13
C LYS D 144 -19.37 48.99 -8.62
N LEU D 145 -18.58 49.58 -9.51
CA LEU D 145 -17.28 50.10 -9.14
C LEU D 145 -17.22 51.49 -8.50
N ASN D 146 -16.81 52.48 -9.32
CA ASN D 146 -16.65 53.87 -8.90
C ASN D 146 -17.86 54.53 -8.23
N GLN D 147 -18.20 54.09 -7.02
CA GLN D 147 -19.33 54.66 -6.29
C GLN D 147 -19.46 54.06 -4.88
N VAL D 148 -20.24 54.73 -4.04
CA VAL D 148 -20.44 54.32 -2.65
C VAL D 148 -21.45 53.24 -2.39
N ILE D 149 -20.99 52.12 -1.87
CA ILE D 149 -21.89 51.03 -1.55
C ILE D 149 -21.77 50.69 -0.07
N THR D 150 -22.91 50.41 0.55
CA THR D 150 -22.95 50.12 1.98
C THR D 150 -22.39 48.75 2.42
N LEU D 151 -21.71 48.68 3.57
CA LEU D 151 -21.16 47.41 4.06
C LEU D 151 -22.29 46.41 4.17
N TYR D 152 -23.46 46.96 4.48
CA TYR D 152 -24.68 46.19 4.63
C TYR D 152 -25.11 45.69 3.25
N GLU D 153 -25.16 46.59 2.26
CA GLU D 153 -25.55 46.22 0.91
C GLU D 153 -24.64 45.09 0.41
N LEU D 154 -23.56 44.84 1.15
CA LEU D 154 -22.58 43.79 0.84
C LEU D 154 -23.10 42.42 1.26
N SER D 155 -23.90 42.42 2.33
CA SER D 155 -24.48 41.21 2.89
C SER D 155 -25.89 41.46 3.46
N VAL D 161 -24.95 39.94 -4.72
CA VAL D 161 -23.80 39.84 -3.82
C VAL D 161 -23.80 38.51 -3.09
N ASN D 162 -24.20 37.43 -3.76
CA ASN D 162 -24.21 36.09 -3.17
C ASN D 162 -22.92 35.30 -3.44
N TRP D 163 -21.79 35.93 -3.17
CA TRP D 163 -20.47 35.35 -3.36
C TRP D 163 -20.08 34.51 -2.15
N GLU D 164 -18.85 34.67 -1.65
CA GLU D 164 -18.39 33.90 -0.51
C GLU D 164 -18.21 34.72 0.77
N PHE D 165 -17.93 36.01 0.59
CA PHE D 165 -17.76 36.91 1.73
C PHE D 165 -19.15 37.32 2.17
N HIS D 166 -20.14 36.63 1.62
CA HIS D 166 -21.57 36.88 1.91
C HIS D 166 -21.94 36.59 3.36
N ARG D 167 -22.82 37.43 3.90
CA ARG D 167 -23.27 37.30 5.29
C ARG D 167 -22.11 37.57 6.24
N MET D 168 -20.99 38.04 5.69
CA MET D 168 -19.85 38.33 6.53
C MET D 168 -20.20 39.52 7.43
N PRO D 169 -20.42 39.25 8.71
CA PRO D 169 -20.77 40.24 9.73
C PRO D 169 -19.99 41.54 9.62
N GLU D 170 -20.68 42.61 9.19
CA GLU D 170 -20.12 43.97 9.02
C GLU D 170 -18.98 44.33 10.00
N SER D 171 -19.12 43.91 11.26
CA SER D 171 -18.13 44.19 12.28
C SER D 171 -16.79 43.54 11.98
N LEU D 172 -16.73 42.74 10.92
CA LEU D 172 -15.48 42.08 10.55
C LEU D 172 -15.26 42.12 9.04
N LEU D 173 -16.27 42.61 8.34
CA LEU D 173 -16.22 42.75 6.89
C LEU D 173 -15.41 44.04 6.77
N TYR D 174 -14.89 44.46 7.92
CA TYR D 174 -14.10 45.67 8.05
C TYR D 174 -12.65 45.46 7.68
N TYR D 175 -11.96 44.60 8.44
CA TYR D 175 -10.54 44.36 8.19
C TYR D 175 -10.27 43.95 6.76
N CYS D 176 -11.14 43.09 6.23
CA CYS D 176 -11.01 42.63 4.86
C CYS D 176 -11.08 43.83 3.91
N LEU D 177 -11.97 44.77 4.20
CA LEU D 177 -12.10 45.96 3.37
C LEU D 177 -10.83 46.80 3.51
N LYS D 178 -10.19 46.74 4.68
CA LYS D 178 -8.97 47.51 4.93
C LYS D 178 -7.95 47.40 3.81
N PRO D 179 -7.38 46.19 3.60
CA PRO D 179 -6.39 46.06 2.54
C PRO D 179 -6.81 46.73 1.25
N LEU D 180 -8.08 46.68 0.93
CA LEU D 180 -8.51 47.34 -0.29
C LEU D 180 -8.13 48.81 -0.24
N CYS D 181 -7.89 49.32 0.97
CA CYS D 181 -7.48 50.70 1.13
C CYS D 181 -5.99 50.75 0.82
N ASP D 182 -5.21 50.14 1.71
CA ASP D 182 -3.75 50.07 1.59
C ASP D 182 -3.28 50.23 0.15
N ARG D 183 -3.95 49.54 -0.76
CA ARG D 183 -3.60 49.62 -2.17
C ARG D 183 -4.55 50.56 -2.90
N ASN D 184 -4.53 51.84 -2.51
CA ASN D 184 -5.36 52.89 -3.10
C ASN D 184 -6.39 52.42 -4.13
N THR D 187 -11.90 56.44 0.79
CA THR D 187 -11.93 55.00 1.05
C THR D 187 -13.22 54.52 1.75
N MET D 188 -13.21 54.53 3.08
CA MET D 188 -14.35 54.10 3.91
C MET D 188 -15.07 55.25 4.65
N LEU D 189 -16.27 55.56 4.17
CA LEU D 189 -17.09 56.61 4.75
C LEU D 189 -17.70 56.15 6.07
N LYS D 190 -17.53 56.94 7.13
CA LYS D 190 -18.10 56.62 8.45
C LYS D 190 -19.25 57.61 8.78
N ASP D 191 -19.86 57.46 9.96
CA ASP D 191 -20.96 58.35 10.35
C ASP D 191 -20.63 59.15 11.62
N GLU D 192 -21.66 59.78 12.21
CA GLU D 192 -21.50 60.60 13.42
C GLU D 192 -21.09 59.76 14.66
N ASN D 193 -20.87 58.47 14.46
CA ASN D 193 -20.48 57.57 15.54
C ASN D 193 -19.22 56.81 15.16
N ASP D 194 -18.57 57.28 14.10
CA ASP D 194 -17.34 56.68 13.60
C ASP D 194 -17.50 55.30 13.01
N LYS D 195 -18.75 54.83 12.92
CA LYS D 195 -19.05 53.53 12.33
C LYS D 195 -18.88 53.62 10.80
N VAL D 196 -18.42 52.54 10.19
CA VAL D 196 -18.25 52.55 8.74
C VAL D 196 -19.49 51.93 8.10
N ILE D 197 -20.17 52.72 7.31
CA ILE D 197 -21.41 52.29 6.69
C ILE D 197 -21.25 51.82 5.27
N ALA D 198 -20.14 52.21 4.65
CA ALA D 198 -19.84 51.85 3.27
C ALA D 198 -18.39 52.19 2.89
N ILE D 199 -18.09 51.93 1.62
CA ILE D 199 -16.78 52.16 1.06
C ILE D 199 -17.00 52.43 -0.44
N LYS D 200 -15.97 52.91 -1.13
CA LYS D 200 -16.06 53.22 -2.56
C LYS D 200 -14.79 52.71 -3.27
N VAL D 201 -14.92 52.21 -4.50
CA VAL D 201 -13.78 51.69 -5.24
C VAL D 201 -13.89 52.04 -6.71
#